data_3L1C
#
_entry.id   3L1C
#
_cell.length_a   162.015
_cell.length_b   66.417
_cell.length_c   93.567
_cell.angle_alpha   90.00
_cell.angle_beta   98.20
_cell.angle_gamma   90.00
#
_symmetry.space_group_name_H-M   'C 1 2 1'
#
loop_
_entity.id
_entity.type
_entity.pdbx_description
1 polymer 'Protein claret segregational'
2 non-polymer 'MAGNESIUM ION'
3 non-polymer "ADENOSINE-5'-DIPHOSPHATE"
4 water water
#
_entity_poly.entity_id   1
_entity_poly.type   'polypeptide(L)'
_entity_poly.pdbx_seq_one_letter_code
;MHAALSTEVVHLRQRTEELLRCNEQQAAELETCKEQLFQSNMERKELHNTVMDLRGNIRVFCRIRPPLESEENRMCCTWT
YHDESTVELQSIDAQAKSKMGQQIFSFDQVFHPLSSQSDIFEMVSPLIQSALDGYNICIFAYGQSGSGKTYTMDGVPESV
GVIPRTVDLLFDSIRGYRNLGWEYEIKATFLEIYNEVLYDLLSNEQKDMEIRMAKNNKNDIYVSNITEETVLDPNHLRHL
MHTAKMNRATASTAGNERSSRSHAVTKLELIGRHAEKQEISVGSINLVDLAGSESPKTSTRMTETKNINRSLSELTNVIL
ALLQKQDHIPYRNSKLTHLLMPSLGGNSKTLMFINVSPFQDCFQESVKSLRFAASVNSCKMTK
;
_entity_poly.pdbx_strand_id   A,B
#
loop_
_chem_comp.id
_chem_comp.type
_chem_comp.name
_chem_comp.formula
ADP non-polymer ADENOSINE-5'-DIPHOSPHATE 'C10 H15 N5 O10 P2'
MG non-polymer 'MAGNESIUM ION' 'Mg 2'
#
# COMPACT_ATOMS: atom_id res chain seq x y z
N MET A 1 0.06 -64.31 -21.83
CA MET A 1 0.65 -64.97 -20.63
C MET A 1 0.07 -64.28 -19.43
N HIS A 2 -0.48 -65.10 -18.77
CA HIS A 2 -1.17 -64.67 -17.57
C HIS A 2 -0.16 -64.11 -16.58
N ALA A 3 0.97 -64.77 -16.48
CA ALA A 3 2.00 -64.33 -15.58
C ALA A 3 2.43 -62.90 -15.95
N ALA A 4 2.68 -62.65 -17.23
CA ALA A 4 3.10 -61.31 -17.65
C ALA A 4 2.10 -60.23 -17.24
N LEU A 5 0.81 -60.47 -17.50
CA LEU A 5 -0.22 -59.51 -17.12
C LEU A 5 -0.33 -59.44 -15.63
N SER A 6 -0.11 -60.59 -15.01
CA SER A 6 -0.19 -60.73 -13.58
C SER A 6 0.88 -59.85 -12.92
N THR A 7 2.08 -59.84 -13.52
CA THR A 7 3.20 -59.03 -13.00
C THR A 7 2.98 -57.54 -13.27
N GLU A 8 2.32 -57.21 -14.38
CA GLU A 8 2.05 -55.83 -14.71
C GLU A 8 1.00 -55.25 -13.74
N VAL A 9 0.08 -56.09 -13.29
CA VAL A 9 -0.93 -55.64 -12.36
C VAL A 9 -0.30 -55.23 -11.05
N VAL A 10 0.67 -56.00 -10.56
CA VAL A 10 1.33 -55.67 -9.31
C VAL A 10 2.14 -54.39 -9.45
N HIS A 11 2.86 -54.27 -10.56
CA HIS A 11 3.66 -53.08 -10.78
C HIS A 11 2.79 -51.84 -11.01
N LEU A 12 1.62 -52.03 -11.60
CA LEU A 12 0.71 -50.92 -11.85
C LEU A 12 0.11 -50.44 -10.55
N ARG A 13 -0.10 -51.37 -9.62
CA ARG A 13 -0.64 -51.04 -8.30
C ARG A 13 0.44 -50.27 -7.54
N GLN A 14 1.68 -50.73 -7.63
CA GLN A 14 2.79 -50.06 -6.95
C GLN A 14 2.88 -48.63 -7.47
N ARG A 15 2.81 -48.51 -8.80
CA ARG A 15 2.87 -47.23 -9.46
C ARG A 15 1.69 -46.35 -9.04
N THR A 16 0.47 -46.89 -9.07
CA THR A 16 -0.71 -46.14 -8.70
C THR A 16 -0.63 -45.67 -7.26
N GLU A 17 -0.22 -46.58 -6.38
CA GLU A 17 -0.07 -46.29 -4.97
C GLU A 17 0.95 -45.17 -4.77
N GLU A 18 2.11 -45.35 -5.38
CA GLU A 18 3.19 -44.36 -5.29
C GLU A 18 2.75 -43.04 -5.93
N LEU A 19 1.78 -43.13 -6.84
CA LEU A 19 1.24 -41.96 -7.54
C LEU A 19 0.21 -41.29 -6.64
N LEU A 20 -0.65 -42.11 -6.06
CA LEU A 20 -1.70 -41.61 -5.18
C LEU A 20 -1.10 -40.76 -4.08
N ARG A 21 -0.03 -41.26 -3.45
CA ARG A 21 0.64 -40.54 -2.37
C ARG A 21 1.30 -39.24 -2.84
N CYS A 22 1.90 -39.27 -4.03
CA CYS A 22 2.53 -38.07 -4.55
C CYS A 22 1.49 -36.98 -4.73
N ASN A 23 0.35 -37.34 -5.32
CA ASN A 23 -0.72 -36.39 -5.56
C ASN A 23 -1.31 -35.86 -4.25
N GLU A 24 -1.47 -36.77 -3.29
CA GLU A 24 -2.03 -36.43 -1.99
C GLU A 24 -1.12 -35.41 -1.29
N GLN A 25 0.18 -35.60 -1.43
CA GLN A 25 1.16 -34.70 -0.81
C GLN A 25 1.08 -33.34 -1.48
N GLN A 26 0.81 -33.33 -2.78
CA GLN A 26 0.70 -32.10 -3.56
C GLN A 26 -0.55 -31.36 -3.14
N ALA A 27 -1.58 -32.12 -2.78
CA ALA A 27 -2.83 -31.52 -2.36
C ALA A 27 -2.60 -30.69 -1.10
N ALA A 28 -1.93 -31.29 -0.11
CA ALA A 28 -1.65 -30.63 1.15
C ALA A 28 -0.84 -29.35 0.93
N GLU A 29 0.11 -29.42 0.01
CA GLU A 29 0.95 -28.28 -0.31
C GLU A 29 0.06 -27.20 -0.93
N LEU A 30 -0.65 -27.57 -1.99
CA LEU A 30 -1.53 -26.67 -2.71
C LEU A 30 -2.52 -25.94 -1.79
N GLU A 31 -3.22 -26.70 -0.96
CA GLU A 31 -4.21 -26.10 -0.05
C GLU A 31 -3.55 -25.05 0.83
N THR A 32 -2.42 -25.39 1.43
CA THR A 32 -1.69 -24.48 2.29
C THR A 32 -1.28 -23.24 1.49
N CYS A 33 -0.76 -23.46 0.31
CA CYS A 33 -0.33 -22.35 -0.53
C CYS A 33 -1.52 -21.49 -0.94
N LYS A 34 -2.64 -22.12 -1.21
CA LYS A 34 -3.84 -21.39 -1.59
C LYS A 34 -4.32 -20.59 -0.38
N GLU A 35 -4.28 -21.21 0.79
CA GLU A 35 -4.72 -20.57 2.02
C GLU A 35 -3.88 -19.34 2.30
N GLN A 36 -2.57 -19.46 2.11
CA GLN A 36 -1.69 -18.34 2.34
C GLN A 36 -1.86 -17.25 1.30
N LEU A 37 -2.11 -17.65 0.06
CA LEU A 37 -2.27 -16.65 -1.01
C LEU A 37 -3.47 -15.74 -0.81
N PHE A 38 -4.57 -16.34 -0.35
CA PHE A 38 -5.80 -15.60 -0.12
C PHE A 38 -5.61 -14.58 1.01
N GLN A 39 -5.01 -15.04 2.11
CA GLN A 39 -4.76 -14.19 3.26
C GLN A 39 -3.81 -13.06 2.88
N SER A 40 -2.80 -13.44 2.11
CA SER A 40 -1.79 -12.50 1.63
C SER A 40 -2.44 -11.45 0.75
N ASN A 41 -3.43 -11.87 -0.02
CA ASN A 41 -4.11 -10.94 -0.89
C ASN A 41 -5.01 -10.05 -0.07
N MET A 42 -5.58 -10.62 1.01
CA MET A 42 -6.43 -9.87 1.92
C MET A 42 -5.65 -8.78 2.64
N GLU A 43 -4.36 -9.01 2.91
CA GLU A 43 -3.58 -8.00 3.58
C GLU A 43 -3.10 -6.95 2.62
N ARG A 44 -2.88 -7.38 1.38
CA ARG A 44 -2.42 -6.50 0.34
C ARG A 44 -3.51 -5.52 0.02
N LYS A 45 -4.74 -6.00 0.01
CA LYS A 45 -5.85 -5.14 -0.28
C LYS A 45 -5.93 -4.14 0.88
N GLU A 46 -5.78 -4.61 2.12
CA GLU A 46 -5.85 -3.72 3.28
C GLU A 46 -4.77 -2.64 3.22
N LEU A 47 -3.55 -3.08 2.93
CA LEU A 47 -2.43 -2.17 2.83
C LEU A 47 -2.70 -1.14 1.71
N HIS A 48 -3.22 -1.61 0.57
CA HIS A 48 -3.53 -0.74 -0.55
C HIS A 48 -4.58 0.30 -0.17
N ASN A 49 -5.59 -0.14 0.55
CA ASN A 49 -6.63 0.79 0.92
C ASN A 49 -6.08 1.83 1.90
N THR A 50 -5.15 1.43 2.78
CA THR A 50 -4.55 2.37 3.73
C THR A 50 -3.86 3.49 2.96
N VAL A 51 -3.07 3.11 1.94
CA VAL A 51 -2.36 4.10 1.12
C VAL A 51 -3.36 5.04 0.47
N MET A 52 -4.49 4.52 -0.02
CA MET A 52 -5.47 5.39 -0.66
C MET A 52 -6.07 6.38 0.36
N ASP A 53 -6.29 5.90 1.58
CA ASP A 53 -6.85 6.73 2.64
C ASP A 53 -5.85 7.86 2.90
N LEU A 54 -4.59 7.50 3.01
CA LEU A 54 -3.52 8.46 3.26
C LEU A 54 -3.35 9.49 2.17
N ARG A 55 -3.51 9.07 0.93
CA ARG A 55 -3.38 10.00 -0.16
C ARG A 55 -4.65 10.83 -0.20
N GLY A 56 -5.69 10.34 0.44
CA GLY A 56 -6.96 11.05 0.48
C GLY A 56 -8.07 10.32 -0.25
N ASN A 57 -9.21 10.11 0.42
CA ASN A 57 -10.33 9.40 -0.19
C ASN A 57 -11.09 10.22 -1.21
N ILE A 58 -10.81 11.52 -1.21
CA ILE A 58 -11.44 12.43 -2.15
C ILE A 58 -10.36 13.41 -2.58
N ARG A 59 -9.84 13.21 -3.78
CA ARG A 59 -8.77 14.06 -4.31
C ARG A 59 -9.27 14.92 -5.45
N VAL A 60 -8.70 16.11 -5.57
CA VAL A 60 -9.10 17.03 -6.63
C VAL A 60 -7.86 17.44 -7.39
N PHE A 61 -7.93 17.33 -8.71
CA PHE A 61 -6.83 17.66 -9.57
C PHE A 61 -7.17 18.77 -10.53
N CYS A 62 -6.13 19.44 -11.02
CA CYS A 62 -6.32 20.51 -11.99
C CYS A 62 -5.63 20.11 -13.27
N ARG A 63 -6.27 20.32 -14.40
CA ARG A 63 -5.66 19.97 -15.68
C ARG A 63 -5.91 21.07 -16.70
N ILE A 64 -4.86 21.83 -16.99
CA ILE A 64 -4.91 22.92 -17.95
C ILE A 64 -4.56 22.33 -19.31
N ARG A 65 -5.42 22.51 -20.29
CA ARG A 65 -5.13 21.96 -21.62
C ARG A 65 -4.29 22.94 -22.45
N PRO A 66 -3.53 22.43 -23.43
CA PRO A 66 -2.69 23.28 -24.27
C PRO A 66 -3.52 24.06 -25.29
N PRO A 67 -2.96 25.16 -25.80
CA PRO A 67 -3.69 25.97 -26.77
C PRO A 67 -3.94 25.19 -28.05
N LEU A 68 -5.15 25.33 -28.57
CA LEU A 68 -5.59 24.66 -29.78
C LEU A 68 -4.84 25.10 -31.05
N GLU A 69 -4.71 24.19 -32.01
CA GLU A 69 -4.03 24.50 -33.26
C GLU A 69 -4.95 25.29 -34.20
N SER A 70 -6.15 25.55 -33.70
CA SER A 70 -7.16 26.28 -34.45
C SER A 70 -7.15 27.76 -34.08
N GLU A 71 -6.13 28.17 -33.35
CA GLU A 71 -5.96 29.56 -32.94
C GLU A 71 -4.63 29.80 -32.26
N GLU A 72 -3.64 30.21 -33.04
CA GLU A 72 -2.30 30.48 -32.52
C GLU A 72 -2.28 31.73 -31.65
N ASN A 73 -3.14 32.69 -31.98
CA ASN A 73 -3.22 33.94 -31.23
C ASN A 73 -4.64 34.24 -30.77
N ARG A 74 -5.02 33.64 -29.64
CA ARG A 74 -6.35 33.85 -29.08
C ARG A 74 -5.44 33.94 -27.86
N MET A 75 -5.82 34.78 -26.91
CA MET A 75 -5.04 34.97 -25.68
C MET A 75 -5.02 33.94 -24.55
N CYS A 76 -3.93 33.93 -23.80
CA CYS A 76 -3.79 33.05 -22.74
C CYS A 76 -3.67 33.93 -21.68
N CYS A 77 -4.09 33.58 -20.61
CA CYS A 77 -3.92 34.40 -19.43
C CYS A 77 -2.59 34.07 -18.75
N THR A 78 -2.22 34.87 -17.75
CA THR A 78 -0.96 34.66 -17.08
C THR A 78 -0.99 33.52 -16.07
N TRP A 79 -0.46 32.38 -16.48
CA TRP A 79 -0.43 31.24 -15.59
C TRP A 79 0.86 31.23 -14.85
N THR A 80 0.86 30.63 -13.67
CA THR A 80 2.08 30.56 -12.86
C THR A 80 1.96 29.44 -11.81
N TYR A 81 2.48 28.28 -12.18
CA TYR A 81 2.45 27.09 -11.34
C TYR A 81 3.41 27.26 -10.18
N HIS A 82 2.88 27.66 -9.03
CA HIS A 82 3.72 27.81 -7.85
C HIS A 82 4.47 26.56 -7.37
N ASP A 83 3.75 25.53 -6.92
CA ASP A 83 4.32 24.20 -6.73
C ASP A 83 3.54 23.20 -7.56
N GLU A 84 3.73 21.91 -7.30
CA GLU A 84 3.01 20.90 -8.04
C GLU A 84 1.64 20.61 -7.44
N SER A 85 1.17 21.56 -6.63
CA SER A 85 -0.14 21.45 -6.00
C SER A 85 -0.86 22.79 -6.12
N THR A 86 -0.09 23.87 -6.16
CA THR A 86 -0.67 25.20 -6.26
C THR A 86 -0.48 25.77 -7.66
N VAL A 87 -1.41 26.58 -8.12
CA VAL A 87 -1.31 27.17 -9.43
C VAL A 87 -2.03 28.51 -9.38
N GLU A 88 -1.57 29.45 -10.21
CA GLU A 88 -2.16 30.79 -10.25
C GLU A 88 -2.47 31.23 -11.67
N LEU A 89 -3.49 32.06 -11.82
CA LEU A 89 -3.84 32.58 -13.12
C LEU A 89 -4.12 34.07 -12.95
N GLN A 90 -3.95 34.82 -14.03
CA GLN A 90 -4.18 36.26 -14.04
C GLN A 90 -4.73 36.71 -15.37
N SER A 91 -5.67 37.65 -15.30
CA SER A 91 -6.29 38.22 -16.49
C SER A 91 -5.44 39.37 -17.00
N ILE A 92 -5.75 39.83 -18.20
CA ILE A 92 -5.02 40.93 -18.81
C ILE A 92 -5.96 42.13 -18.98
N ASP A 93 -7.18 41.90 -19.44
CA ASP A 93 -8.11 43.01 -19.53
C ASP A 93 -9.35 42.59 -18.74
N ALA A 94 -9.50 43.12 -17.52
CA ALA A 94 -10.62 42.80 -16.63
C ALA A 94 -11.94 42.53 -17.38
N GLY A 101 -7.73 41.19 -5.05
CA GLY A 101 -7.46 39.89 -4.46
C GLY A 101 -6.37 39.16 -5.21
N GLN A 102 -6.45 37.83 -5.26
CA GLN A 102 -5.43 37.04 -5.94
C GLN A 102 -6.00 35.66 -6.32
N GLN A 103 -5.57 35.12 -7.46
CA GLN A 103 -6.07 33.82 -7.90
C GLN A 103 -5.05 32.71 -7.70
N ILE A 104 -5.12 32.04 -6.56
CA ILE A 104 -4.20 30.95 -6.27
C ILE A 104 -4.96 29.78 -5.66
N PHE A 105 -4.93 28.65 -6.35
CA PHE A 105 -5.66 27.46 -5.89
C PHE A 105 -4.80 26.24 -5.70
N SER A 106 -5.05 25.48 -4.64
CA SER A 106 -4.28 24.28 -4.38
C SER A 106 -5.01 22.98 -4.67
N PHE A 107 -4.32 22.06 -5.34
CA PHE A 107 -4.87 20.76 -5.68
C PHE A 107 -3.95 19.66 -5.19
N ASP A 108 -4.38 18.41 -5.34
CA ASP A 108 -3.53 17.31 -4.93
C ASP A 108 -2.40 17.16 -5.92
N GLN A 109 -2.63 17.69 -7.11
CA GLN A 109 -1.64 17.66 -8.16
C GLN A 109 -2.14 18.53 -9.28
N VAL A 110 -1.23 19.28 -9.90
CA VAL A 110 -1.61 20.16 -10.99
C VAL A 110 -1.00 19.67 -12.29
N PHE A 111 -1.84 19.42 -13.27
CA PHE A 111 -1.34 18.95 -14.55
C PHE A 111 -1.36 20.10 -15.54
N HIS A 112 -0.18 20.46 -16.05
CA HIS A 112 -0.07 21.58 -17.01
C HIS A 112 -0.44 21.15 -18.41
N PRO A 113 -0.28 22.05 -19.40
CA PRO A 113 -0.63 21.67 -20.78
C PRO A 113 0.25 20.59 -21.37
N LEU A 114 1.34 20.27 -20.68
CA LEU A 114 2.25 19.27 -21.18
C LEU A 114 2.01 17.89 -20.58
N SER A 115 1.22 17.86 -19.50
CA SER A 115 0.91 16.62 -18.83
C SER A 115 0.19 15.73 -19.82
N SER A 116 0.66 14.50 -19.93
CA SER A 116 0.08 13.56 -20.86
C SER A 116 -1.06 12.77 -20.24
N GLN A 117 -1.79 12.06 -21.09
CA GLN A 117 -2.89 11.23 -20.63
C GLN A 117 -2.34 10.20 -19.63
N SER A 118 -1.14 9.68 -19.84
CA SER A 118 -0.60 8.72 -18.88
C SER A 118 -0.50 9.38 -17.52
N ASP A 119 -0.02 10.62 -17.51
CA ASP A 119 0.15 11.37 -16.27
C ASP A 119 -1.14 11.36 -15.47
N ILE A 120 -2.23 11.65 -16.17
CA ILE A 120 -3.55 11.66 -15.60
C ILE A 120 -3.88 10.27 -15.10
N PHE A 121 -3.71 9.26 -15.95
CA PHE A 121 -4.07 7.94 -15.49
C PHE A 121 -3.32 7.43 -14.28
N GLU A 122 -2.12 7.96 -14.05
CA GLU A 122 -1.34 7.54 -12.91
C GLU A 122 -2.04 7.90 -11.63
N MET A 123 -3.08 8.71 -11.73
CA MET A 123 -3.84 9.10 -10.55
C MET A 123 -4.96 8.12 -10.39
N VAL A 124 -5.39 7.52 -11.50
CA VAL A 124 -6.50 6.59 -11.51
C VAL A 124 -6.10 5.13 -11.34
N SER A 125 -5.06 4.73 -12.07
CA SER A 125 -4.55 3.36 -12.02
C SER A 125 -4.67 2.70 -10.63
N PRO A 126 -4.26 3.41 -9.56
CA PRO A 126 -4.40 2.75 -8.24
C PRO A 126 -5.87 2.42 -7.92
N LEU A 127 -6.81 3.30 -8.27
CA LEU A 127 -8.22 3.06 -7.99
C LEU A 127 -8.82 1.87 -8.77
N ILE A 128 -8.20 1.44 -9.86
CA ILE A 128 -8.78 0.31 -10.55
C ILE A 128 -8.59 -0.89 -9.64
N GLN A 129 -7.46 -0.94 -8.93
CA GLN A 129 -7.20 -2.05 -8.02
C GLN A 129 -8.18 -1.97 -6.86
N SER A 130 -8.47 -0.75 -6.44
CA SER A 130 -9.40 -0.53 -5.37
C SER A 130 -10.77 -1.06 -5.80
N ALA A 131 -11.17 -0.81 -7.06
CA ALA A 131 -12.49 -1.27 -7.50
C ALA A 131 -12.59 -2.78 -7.56
N LEU A 132 -11.49 -3.44 -7.92
CA LEU A 132 -11.49 -4.87 -7.99
C LEU A 132 -11.48 -5.47 -6.59
N ASP A 133 -11.11 -4.65 -5.61
CA ASP A 133 -11.07 -5.09 -4.20
C ASP A 133 -12.36 -4.79 -3.47
N GLY A 134 -13.39 -4.41 -4.23
CA GLY A 134 -14.70 -4.11 -3.68
C GLY A 134 -14.95 -2.68 -3.24
N TYR A 135 -14.31 -1.70 -3.86
CA TYR A 135 -14.52 -0.30 -3.47
C TYR A 135 -15.22 0.40 -4.62
N ASN A 136 -15.99 1.45 -4.35
CA ASN A 136 -16.65 2.15 -5.43
C ASN A 136 -15.88 3.43 -5.70
N ILE A 137 -15.46 3.63 -6.95
CA ILE A 137 -14.70 4.82 -7.31
C ILE A 137 -15.49 5.76 -8.18
N CYS A 138 -15.20 7.05 -8.04
CA CYS A 138 -15.87 8.04 -8.86
C CYS A 138 -14.83 8.92 -9.49
N ILE A 139 -14.67 8.81 -10.81
CA ILE A 139 -13.73 9.65 -11.51
C ILE A 139 -14.54 10.73 -12.20
N PHE A 140 -14.41 11.96 -11.71
CA PHE A 140 -15.12 13.13 -12.23
C PHE A 140 -14.25 14.06 -13.11
N ALA A 141 -14.88 14.70 -14.10
CA ALA A 141 -14.23 15.64 -14.99
C ALA A 141 -15.10 16.89 -14.99
N TYR A 142 -14.71 17.88 -14.20
CA TYR A 142 -15.45 19.13 -14.05
C TYR A 142 -14.78 20.23 -14.85
N GLY A 143 -15.56 21.18 -15.36
CA GLY A 143 -14.98 22.28 -16.14
C GLY A 143 -15.97 22.89 -17.11
N GLN A 144 -15.63 24.04 -17.71
CA GLN A 144 -16.52 24.69 -18.66
C GLN A 144 -16.39 24.02 -20.02
N SER A 145 -17.35 24.24 -20.91
CA SER A 145 -17.29 23.64 -22.23
C SER A 145 -15.99 24.06 -22.89
N GLY A 146 -15.17 23.08 -23.25
CA GLY A 146 -13.90 23.36 -23.90
C GLY A 146 -12.67 23.17 -23.01
N SER A 147 -12.88 23.13 -21.69
CA SER A 147 -11.79 22.97 -20.73
C SER A 147 -10.98 21.69 -20.95
N GLY A 148 -11.65 20.65 -21.44
CA GLY A 148 -10.96 19.40 -21.69
C GLY A 148 -11.57 18.17 -21.04
N LYS A 149 -12.81 18.26 -20.59
CA LYS A 149 -13.45 17.12 -19.93
C LYS A 149 -13.49 15.86 -20.77
N THR A 150 -13.92 15.97 -22.02
CA THR A 150 -14.02 14.79 -22.84
C THR A 150 -12.69 14.19 -23.17
N TYR A 151 -11.76 15.04 -23.56
CA TYR A 151 -10.42 14.58 -23.91
C TYR A 151 -9.77 13.89 -22.71
N THR A 152 -10.15 14.29 -21.52
CA THR A 152 -9.60 13.72 -20.31
C THR A 152 -10.18 12.33 -20.01
N MET A 153 -11.51 12.26 -19.93
CA MET A 153 -12.25 11.04 -19.65
C MET A 153 -12.18 9.98 -20.77
N ASP A 154 -12.57 10.37 -21.97
CA ASP A 154 -12.55 9.47 -23.11
C ASP A 154 -11.30 9.64 -23.89
N GLY A 155 -10.92 10.89 -24.08
CA GLY A 155 -9.70 11.16 -24.82
C GLY A 155 -9.93 11.11 -26.31
N VAL A 156 -8.88 10.70 -27.02
CA VAL A 156 -8.91 10.63 -28.47
C VAL A 156 -8.15 9.39 -28.92
N PRO A 157 -8.46 8.87 -30.13
CA PRO A 157 -7.75 7.68 -30.61
C PRO A 157 -6.24 7.82 -30.66
N GLU A 158 -5.75 9.04 -30.86
CA GLU A 158 -4.31 9.23 -30.92
C GLU A 158 -3.76 9.27 -29.49
N SER A 159 -4.63 9.54 -28.51
CA SER A 159 -4.22 9.59 -27.11
C SER A 159 -5.44 9.25 -26.23
N VAL A 160 -5.70 7.97 -26.05
CA VAL A 160 -6.83 7.54 -25.25
C VAL A 160 -6.82 8.19 -23.88
N GLY A 161 -8.02 8.38 -23.33
CA GLY A 161 -8.18 9.00 -22.01
C GLY A 161 -8.40 8.02 -20.87
N VAL A 162 -8.89 8.54 -19.74
CA VAL A 162 -9.11 7.72 -18.54
C VAL A 162 -9.87 6.41 -18.75
N ILE A 163 -11.06 6.50 -19.32
CA ILE A 163 -11.90 5.33 -19.56
C ILE A 163 -11.18 4.23 -20.33
N PRO A 164 -10.73 4.52 -21.55
CA PRO A 164 -10.03 3.47 -22.30
C PRO A 164 -8.86 2.88 -21.49
N ARG A 165 -8.08 3.72 -20.78
CA ARG A 165 -6.97 3.15 -20.02
C ARG A 165 -7.52 2.27 -18.88
N THR A 166 -8.54 2.76 -18.18
CA THR A 166 -9.13 2.00 -17.10
C THR A 166 -9.50 0.58 -17.54
N VAL A 167 -10.16 0.47 -18.70
CA VAL A 167 -10.58 -0.80 -19.25
C VAL A 167 -9.37 -1.67 -19.56
N ASP A 168 -8.41 -1.10 -20.25
CA ASP A 168 -7.24 -1.87 -20.54
C ASP A 168 -6.61 -2.41 -19.26
N LEU A 169 -6.52 -1.59 -18.23
CA LEU A 169 -5.92 -2.09 -16.98
C LEU A 169 -6.83 -3.14 -16.37
N LEU A 170 -8.12 -2.84 -16.40
CA LEU A 170 -9.13 -3.74 -15.87
C LEU A 170 -9.03 -5.19 -16.38
N PHE A 171 -8.96 -5.37 -17.71
CA PHE A 171 -8.85 -6.71 -18.30
C PHE A 171 -7.54 -7.39 -17.95
N ASP A 172 -6.44 -6.64 -17.98
CA ASP A 172 -5.18 -7.24 -17.63
C ASP A 172 -5.18 -7.70 -16.17
N SER A 173 -5.68 -6.86 -15.27
CA SER A 173 -5.70 -7.22 -13.85
C SER A 173 -6.65 -8.40 -13.60
N ILE A 174 -7.76 -8.40 -14.34
CA ILE A 174 -8.77 -9.46 -14.24
C ILE A 174 -8.17 -10.78 -14.71
N ARG A 175 -7.32 -10.70 -15.71
CA ARG A 175 -6.69 -11.90 -16.22
C ARG A 175 -5.82 -12.44 -15.11
N GLY A 176 -4.93 -11.60 -14.61
CA GLY A 176 -4.04 -12.02 -13.54
C GLY A 176 -4.79 -12.66 -12.38
N TYR A 177 -5.86 -12.01 -11.92
CA TYR A 177 -6.63 -12.53 -10.79
C TYR A 177 -7.09 -13.98 -10.90
N ARG A 178 -7.19 -14.50 -12.11
CA ARG A 178 -7.60 -15.87 -12.29
C ARG A 178 -6.56 -16.79 -11.62
N ASN A 179 -5.32 -16.32 -11.50
CA ASN A 179 -4.27 -17.11 -10.88
C ASN A 179 -4.36 -17.19 -9.38
N LEU A 180 -5.36 -16.50 -8.84
CA LEU A 180 -5.64 -16.49 -7.40
C LEU A 180 -7.00 -17.17 -7.15
N GLY A 181 -7.64 -17.65 -8.21
CA GLY A 181 -8.93 -18.31 -8.03
C GLY A 181 -10.10 -17.35 -8.17
N TRP A 182 -9.82 -16.13 -8.61
CA TRP A 182 -10.88 -15.14 -8.77
C TRP A 182 -11.41 -15.07 -10.21
N GLU A 183 -12.73 -15.00 -10.36
CA GLU A 183 -13.37 -14.86 -11.68
C GLU A 183 -14.10 -13.55 -11.64
N TYR A 184 -13.86 -12.69 -12.63
CA TYR A 184 -14.49 -11.38 -12.66
C TYR A 184 -15.41 -11.13 -13.83
N GLU A 185 -16.45 -10.36 -13.56
CA GLU A 185 -17.45 -10.07 -14.55
C GLU A 185 -17.58 -8.55 -14.53
N ILE A 186 -17.87 -7.97 -15.68
CA ILE A 186 -18.01 -6.53 -15.80
C ILE A 186 -19.39 -6.18 -16.32
N LYS A 187 -20.11 -5.38 -15.53
CA LYS A 187 -21.43 -4.94 -15.90
C LYS A 187 -21.21 -3.55 -16.43
N ALA A 188 -21.53 -3.33 -17.69
CA ALA A 188 -21.31 -2.01 -18.23
C ALA A 188 -22.62 -1.32 -18.50
N THR A 189 -22.66 -0.04 -18.17
CA THR A 189 -23.85 0.75 -18.41
C THR A 189 -23.39 2.13 -18.78
N PHE A 190 -24.04 2.69 -19.79
CA PHE A 190 -23.69 4.00 -20.27
C PHE A 190 -24.93 4.85 -20.27
N LEU A 191 -24.88 6.01 -19.62
CA LEU A 191 -26.07 6.83 -19.57
C LEU A 191 -25.75 8.32 -19.65
N GLU A 192 -26.78 9.10 -19.95
CA GLU A 192 -26.63 10.54 -20.07
C GLU A 192 -27.70 11.24 -19.25
N ILE A 193 -27.32 12.28 -18.51
CA ILE A 193 -28.30 12.98 -17.70
C ILE A 193 -28.48 14.40 -18.24
N TYR A 194 -29.62 14.64 -18.89
CA TYR A 194 -29.91 15.95 -19.46
C TYR A 194 -31.20 16.48 -18.83
N ASN A 195 -31.09 17.56 -18.08
CA ASN A 195 -32.23 18.16 -17.40
C ASN A 195 -32.90 17.14 -16.48
N GLU A 196 -32.12 16.62 -15.55
CA GLU A 196 -32.61 15.64 -14.60
C GLU A 196 -33.36 14.48 -15.24
N VAL A 197 -33.06 14.19 -16.50
CA VAL A 197 -33.69 13.08 -17.19
C VAL A 197 -32.61 12.17 -17.74
N LEU A 198 -32.62 10.90 -17.33
CA LEU A 198 -31.64 9.90 -17.76
C LEU A 198 -31.93 9.38 -19.16
N TYR A 199 -30.88 9.03 -19.89
CA TYR A 199 -31.01 8.49 -21.24
C TYR A 199 -30.03 7.32 -21.39
N ASP A 200 -30.51 6.25 -21.99
CA ASP A 200 -29.69 5.07 -22.21
C ASP A 200 -28.92 5.29 -23.50
N LEU A 201 -27.60 5.20 -23.43
CA LEU A 201 -26.74 5.40 -24.58
C LEU A 201 -26.49 4.09 -25.33
N LEU A 202 -27.08 3.00 -24.85
CA LEU A 202 -26.90 1.71 -25.52
C LEU A 202 -28.13 1.32 -26.33
N SER A 203 -29.15 2.18 -26.33
CA SER A 203 -30.38 1.90 -27.07
C SER A 203 -30.83 3.13 -27.85
N ASN A 204 -31.71 2.91 -28.82
CA ASN A 204 -32.24 3.99 -29.64
C ASN A 204 -33.68 4.26 -29.21
N GLU A 205 -34.32 3.23 -28.66
CA GLU A 205 -35.70 3.32 -28.19
C GLU A 205 -35.88 4.37 -27.10
N GLN A 206 -36.69 5.39 -27.37
CA GLN A 206 -36.96 6.42 -26.38
C GLN A 206 -37.76 5.77 -25.25
N LYS A 207 -37.32 5.96 -24.01
CA LYS A 207 -38.00 5.35 -22.86
C LYS A 207 -37.79 6.13 -21.56
N ASP A 208 -38.14 5.51 -20.44
CA ASP A 208 -37.97 6.13 -19.13
C ASP A 208 -37.24 5.21 -18.17
N MET A 209 -36.23 5.76 -17.51
CA MET A 209 -35.42 5.01 -16.56
C MET A 209 -35.40 5.76 -15.23
N GLU A 210 -35.94 5.14 -14.18
CA GLU A 210 -35.97 5.78 -12.89
C GLU A 210 -34.94 5.16 -11.97
N ILE A 211 -34.45 5.97 -11.04
CA ILE A 211 -33.46 5.55 -10.08
C ILE A 211 -34.15 4.97 -8.86
N ARG A 212 -34.18 3.65 -8.77
CA ARG A 212 -34.82 2.96 -7.67
C ARG A 212 -33.77 2.36 -6.74
N MET A 213 -34.17 1.93 -5.55
CA MET A 213 -33.23 1.32 -4.62
C MET A 213 -32.86 -0.06 -5.13
N ALA A 214 -31.64 -0.50 -4.86
CA ALA A 214 -31.20 -1.80 -5.30
C ALA A 214 -32.02 -2.91 -4.67
N LYS A 215 -31.73 -4.15 -5.07
CA LYS A 215 -32.45 -5.30 -4.55
C LYS A 215 -31.85 -5.80 -3.24
N ASN A 216 -30.53 -5.98 -3.20
CA ASN A 216 -29.87 -6.47 -2.00
C ASN A 216 -29.39 -5.38 -1.05
N ASN A 217 -29.90 -4.16 -1.21
CA ASN A 217 -29.46 -3.08 -0.33
C ASN A 217 -30.21 -1.79 -0.59
N LYS A 218 -30.81 -1.25 0.46
CA LYS A 218 -31.55 -0.01 0.34
C LYS A 218 -30.59 1.14 0.08
N ASN A 219 -29.30 0.84 0.00
CA ASN A 219 -28.30 1.86 -0.23
C ASN A 219 -27.77 1.86 -1.66
N ASP A 220 -27.66 0.69 -2.28
CA ASP A 220 -27.17 0.64 -3.64
C ASP A 220 -28.23 1.22 -4.55
N ILE A 221 -27.82 1.54 -5.77
CA ILE A 221 -28.73 2.12 -6.73
C ILE A 221 -29.15 1.13 -7.78
N TYR A 222 -30.21 1.48 -8.49
CA TYR A 222 -30.75 0.62 -9.51
C TYR A 222 -31.47 1.49 -10.52
N VAL A 223 -31.07 1.36 -11.77
CA VAL A 223 -31.66 2.12 -12.87
C VAL A 223 -32.56 1.20 -13.69
N SER A 224 -33.88 1.32 -13.52
CA SER A 224 -34.83 0.48 -14.28
C SER A 224 -34.81 0.80 -15.78
N ASN A 225 -34.96 -0.21 -16.61
CA ASN A 225 -34.97 -0.04 -18.07
C ASN A 225 -33.64 0.41 -18.64
N ILE A 226 -32.56 0.11 -17.93
CA ILE A 226 -31.24 0.50 -18.38
C ILE A 226 -30.64 -0.71 -19.08
N THR A 227 -29.72 -0.47 -19.99
CA THR A 227 -29.10 -1.58 -20.69
C THR A 227 -27.84 -1.94 -19.91
N GLU A 228 -27.87 -3.09 -19.25
CA GLU A 228 -26.73 -3.53 -18.48
C GLU A 228 -26.05 -4.68 -19.18
N GLU A 229 -24.98 -4.39 -19.90
CA GLU A 229 -24.27 -5.42 -20.64
C GLU A 229 -23.29 -6.18 -19.77
N THR A 230 -23.14 -7.47 -20.02
CA THR A 230 -22.20 -8.26 -19.27
C THR A 230 -21.06 -8.58 -20.23
N VAL A 231 -20.07 -7.70 -20.24
CA VAL A 231 -18.90 -7.82 -21.09
C VAL A 231 -18.36 -9.25 -21.23
N LEU A 232 -18.34 -9.76 -22.47
CA LEU A 232 -17.84 -11.10 -22.76
C LEU A 232 -16.32 -11.07 -22.87
N ASP A 233 -15.81 -10.00 -23.44
CA ASP A 233 -14.38 -9.83 -23.61
C ASP A 233 -14.05 -8.41 -24.03
N PRO A 234 -12.76 -8.08 -24.11
CA PRO A 234 -12.43 -6.70 -24.52
C PRO A 234 -13.03 -6.30 -25.87
N ASN A 235 -13.28 -7.26 -26.78
CA ASN A 235 -13.89 -6.90 -28.07
C ASN A 235 -15.32 -6.38 -27.85
N HIS A 236 -16.06 -7.10 -27.00
CA HIS A 236 -17.43 -6.73 -26.69
C HIS A 236 -17.47 -5.33 -26.10
N LEU A 237 -16.69 -5.11 -25.06
CA LEU A 237 -16.64 -3.83 -24.38
C LEU A 237 -16.27 -2.76 -25.38
N ARG A 238 -15.26 -3.06 -26.18
CA ARG A 238 -14.79 -2.12 -27.19
C ARG A 238 -15.98 -1.75 -28.08
N HIS A 239 -16.71 -2.77 -28.53
CA HIS A 239 -17.87 -2.53 -29.36
C HIS A 239 -18.82 -1.53 -28.65
N LEU A 240 -19.24 -1.87 -27.42
CA LEU A 240 -20.15 -1.04 -26.63
C LEU A 240 -19.73 0.42 -26.44
N MET A 241 -18.51 0.64 -25.98
CA MET A 241 -18.03 1.99 -25.79
C MET A 241 -18.22 2.78 -27.08
N HIS A 242 -17.93 2.17 -28.22
CA HIS A 242 -18.07 2.86 -29.48
C HIS A 242 -19.54 3.12 -29.79
N THR A 243 -20.37 2.13 -29.52
CA THR A 243 -21.80 2.23 -29.74
C THR A 243 -22.32 3.39 -28.89
N ALA A 244 -21.79 3.54 -27.69
CA ALA A 244 -22.25 4.58 -26.78
C ALA A 244 -21.80 6.01 -27.11
N LYS A 245 -20.54 6.19 -27.48
CA LYS A 245 -20.04 7.53 -27.83
C LYS A 245 -20.86 8.08 -28.98
N MET A 246 -21.21 7.21 -29.93
CA MET A 246 -21.98 7.63 -31.08
C MET A 246 -23.32 8.27 -30.68
N ASN A 247 -23.89 7.82 -29.55
CA ASN A 247 -25.16 8.37 -29.07
C ASN A 247 -25.00 9.65 -28.27
N SER A 260 -22.90 17.54 -24.38
CA SER A 260 -23.04 18.98 -24.58
C SER A 260 -23.41 19.73 -23.28
N ARG A 261 -24.68 19.69 -22.89
CA ARG A 261 -25.14 20.36 -21.67
C ARG A 261 -25.64 19.34 -20.64
N SER A 262 -25.25 18.08 -20.81
CA SER A 262 -25.64 16.99 -19.94
C SER A 262 -24.45 16.26 -19.34
N HIS A 263 -24.73 15.35 -18.42
CA HIS A 263 -23.70 14.56 -17.76
C HIS A 263 -23.60 13.19 -18.41
N ALA A 264 -22.37 12.72 -18.63
CA ALA A 264 -22.19 11.41 -19.21
C ALA A 264 -21.63 10.51 -18.11
N VAL A 265 -22.23 9.35 -17.92
CA VAL A 265 -21.76 8.47 -16.89
C VAL A 265 -21.57 7.07 -17.43
N THR A 266 -20.33 6.59 -17.37
CA THR A 266 -20.02 5.25 -17.82
C THR A 266 -19.68 4.48 -16.56
N LYS A 267 -20.51 3.49 -16.22
CA LYS A 267 -20.29 2.72 -15.01
C LYS A 267 -19.77 1.33 -15.30
N LEU A 268 -18.78 0.92 -14.54
CA LEU A 268 -18.21 -0.41 -14.69
C LEU A 268 -18.38 -1.05 -13.31
N GLU A 269 -19.07 -2.18 -13.28
CA GLU A 269 -19.27 -2.87 -12.02
C GLU A 269 -18.45 -4.15 -12.08
N LEU A 270 -17.46 -4.20 -11.19
CA LEU A 270 -16.52 -5.30 -11.08
C LEU A 270 -17.00 -6.28 -10.04
N ILE A 271 -17.45 -7.43 -10.50
CA ILE A 271 -17.96 -8.48 -9.63
C ILE A 271 -17.04 -9.68 -9.66
N GLY A 272 -16.29 -9.86 -8.58
CA GLY A 272 -15.36 -10.97 -8.52
C GLY A 272 -15.90 -12.10 -7.68
N ARG A 273 -15.68 -13.30 -8.18
CA ARG A 273 -16.13 -14.48 -7.48
C ARG A 273 -14.99 -15.43 -7.25
N HIS A 274 -14.94 -15.98 -6.05
CA HIS A 274 -13.94 -16.95 -5.70
C HIS A 274 -14.71 -18.18 -5.28
N ALA A 275 -14.81 -19.10 -6.23
CA ALA A 275 -15.51 -20.35 -6.03
C ALA A 275 -14.98 -21.11 -4.82
N GLU A 276 -13.69 -21.46 -4.82
CA GLU A 276 -13.13 -22.19 -3.68
C GLU A 276 -13.41 -21.61 -2.28
N LYS A 277 -13.11 -20.34 -2.07
CA LYS A 277 -13.29 -19.69 -0.77
C LYS A 277 -14.70 -19.22 -0.52
N GLN A 278 -15.51 -19.29 -1.57
CA GLN A 278 -16.90 -18.86 -1.53
C GLN A 278 -16.94 -17.42 -1.06
N GLU A 279 -16.10 -16.60 -1.65
CA GLU A 279 -16.04 -15.18 -1.31
C GLU A 279 -16.34 -14.38 -2.56
N ILE A 280 -16.90 -13.19 -2.39
CA ILE A 280 -17.16 -12.35 -3.57
C ILE A 280 -16.56 -10.98 -3.36
N SER A 281 -16.32 -10.24 -4.44
CA SER A 281 -15.74 -8.93 -4.28
C SER A 281 -16.41 -8.02 -5.27
N VAL A 282 -17.33 -7.20 -4.78
CA VAL A 282 -18.06 -6.31 -5.66
C VAL A 282 -17.65 -4.85 -5.54
N GLY A 283 -17.19 -4.29 -6.64
CA GLY A 283 -16.82 -2.90 -6.61
C GLY A 283 -17.28 -2.25 -7.90
N SER A 284 -17.06 -0.96 -8.03
CA SER A 284 -17.47 -0.29 -9.24
C SER A 284 -16.72 1.02 -9.50
N ILE A 285 -16.46 1.27 -10.78
CA ILE A 285 -15.77 2.47 -11.24
C ILE A 285 -16.85 3.30 -11.95
N ASN A 286 -16.94 4.57 -11.56
CA ASN A 286 -17.90 5.50 -12.12
C ASN A 286 -17.15 6.64 -12.76
N LEU A 287 -17.01 6.53 -14.06
CA LEU A 287 -16.30 7.51 -14.84
C LEU A 287 -17.33 8.53 -15.32
N VAL A 288 -17.32 9.72 -14.72
CA VAL A 288 -18.28 10.75 -15.09
C VAL A 288 -17.72 11.91 -15.91
N ASP A 289 -18.45 12.36 -16.93
CA ASP A 289 -18.04 13.48 -17.78
C ASP A 289 -19.07 14.57 -17.54
N LEU A 290 -18.92 15.28 -16.42
CA LEU A 290 -19.85 16.33 -16.08
C LEU A 290 -20.06 17.33 -17.20
N ALA A 291 -21.25 17.92 -17.27
CA ALA A 291 -21.54 18.90 -18.29
C ALA A 291 -20.86 20.21 -17.92
N GLY A 292 -20.74 21.13 -18.87
CA GLY A 292 -20.11 22.41 -18.59
C GLY A 292 -20.65 23.10 -17.36
N SER A 293 -19.76 23.79 -16.64
CA SER A 293 -20.14 24.53 -15.44
C SER A 293 -20.29 26.02 -15.72
N GLU A 294 -20.11 26.43 -16.98
CA GLU A 294 -20.23 27.85 -17.33
C GLU A 294 -21.56 28.45 -16.87
N SER A 295 -21.73 29.76 -17.09
CA SER A 295 -22.98 30.43 -16.71
C SER A 295 -23.82 30.69 -17.98
N PRO A 296 -25.03 30.09 -18.05
CA PRO A 296 -25.95 30.24 -19.17
C PRO A 296 -26.41 31.67 -19.39
N LYS A 297 -27.10 31.89 -20.51
CA LYS A 297 -27.45 33.23 -20.95
C LYS A 297 -28.94 33.48 -21.05
N THR A 298 -29.49 33.29 -22.25
CA THR A 298 -30.92 33.47 -22.47
C THR A 298 -31.47 32.31 -23.29
N SER A 299 -31.22 32.33 -24.60
CA SER A 299 -31.69 31.28 -25.49
C SER A 299 -30.60 30.80 -26.46
N ASN A 307 -31.85 24.37 -13.62
CA ASN A 307 -31.13 24.00 -14.84
C ASN A 307 -30.06 22.98 -14.48
N ILE A 308 -29.19 22.64 -15.44
CA ILE A 308 -28.13 21.67 -15.22
C ILE A 308 -27.21 22.13 -14.10
N ASN A 309 -27.07 23.45 -13.98
CA ASN A 309 -26.23 24.06 -12.97
C ASN A 309 -26.71 23.74 -11.57
N ARG A 310 -27.80 22.99 -11.47
CA ARG A 310 -28.32 22.57 -10.18
C ARG A 310 -27.71 21.21 -9.85
N SER A 311 -27.91 20.25 -10.74
CA SER A 311 -27.37 18.89 -10.55
C SER A 311 -25.85 18.96 -10.44
N LEU A 312 -25.31 20.11 -10.79
CA LEU A 312 -23.86 20.32 -10.74
C LEU A 312 -23.49 20.87 -9.36
N SER A 313 -24.20 21.91 -8.93
CA SER A 313 -23.95 22.50 -7.64
C SER A 313 -24.33 21.47 -6.58
N GLU A 314 -25.32 20.66 -6.92
CA GLU A 314 -25.77 19.62 -6.02
C GLU A 314 -24.68 18.58 -5.86
N LEU A 315 -23.92 18.38 -6.93
CA LEU A 315 -22.83 17.41 -6.91
C LEU A 315 -21.67 17.91 -6.07
N THR A 316 -21.21 19.13 -6.33
CA THR A 316 -20.10 19.70 -5.58
C THR A 316 -20.44 19.80 -4.10
N ASN A 317 -21.69 20.10 -3.80
CA ASN A 317 -22.11 20.20 -2.40
C ASN A 317 -22.03 18.84 -1.72
N VAL A 318 -22.48 17.80 -2.42
CA VAL A 318 -22.46 16.44 -1.85
C VAL A 318 -21.02 16.03 -1.57
N ILE A 319 -20.10 16.54 -2.35
CA ILE A 319 -18.69 16.23 -2.17
C ILE A 319 -18.18 17.08 -1.02
N LEU A 320 -18.67 18.32 -0.92
CA LEU A 320 -18.26 19.20 0.16
C LEU A 320 -18.89 18.71 1.46
N ALA A 321 -20.13 18.24 1.38
CA ALA A 321 -20.83 17.72 2.55
C ALA A 321 -20.12 16.49 3.06
N LEU A 322 -19.67 15.63 2.16
CA LEU A 322 -18.98 14.42 2.54
C LEU A 322 -17.68 14.77 3.24
N LEU A 323 -16.99 15.79 2.72
CA LEU A 323 -15.73 16.22 3.30
C LEU A 323 -15.87 16.66 4.75
N GLN A 324 -16.85 17.52 5.00
CA GLN A 324 -17.11 18.02 6.34
C GLN A 324 -17.72 16.92 7.20
N LYS A 325 -17.74 15.70 6.67
CA LYS A 325 -18.31 14.56 7.37
C LYS A 325 -19.68 14.92 7.94
N GLN A 326 -20.69 14.93 7.09
CA GLN A 326 -22.04 15.27 7.52
C GLN A 326 -22.89 14.01 7.74
N ASP A 327 -24.12 14.21 8.21
CA ASP A 327 -25.04 13.11 8.48
C ASP A 327 -26.18 13.03 7.48
N HIS A 328 -26.93 14.12 7.35
CA HIS A 328 -28.06 14.15 6.44
C HIS A 328 -27.65 14.68 5.07
N ILE A 329 -27.22 13.77 4.19
CA ILE A 329 -26.80 14.13 2.84
C ILE A 329 -27.94 13.95 1.85
N PRO A 330 -28.34 15.04 1.18
CA PRO A 330 -29.43 15.00 0.20
C PRO A 330 -29.02 14.45 -1.16
N TYR A 331 -28.64 13.18 -1.22
CA TYR A 331 -28.24 12.58 -2.49
C TYR A 331 -29.39 12.61 -3.48
N ARG A 332 -30.58 12.26 -3.01
CA ARG A 332 -31.75 12.21 -3.86
C ARG A 332 -32.16 13.57 -4.42
N ASN A 333 -31.35 14.60 -4.17
CA ASN A 333 -31.67 15.94 -4.67
C ASN A 333 -31.53 16.02 -6.19
N SER A 334 -30.38 15.62 -6.73
CA SER A 334 -30.21 15.66 -8.17
C SER A 334 -30.20 14.25 -8.73
N LYS A 335 -30.49 14.11 -10.02
CA LYS A 335 -30.49 12.80 -10.65
C LYS A 335 -29.10 12.16 -10.57
N LEU A 336 -28.06 12.99 -10.62
CA LEU A 336 -26.65 12.51 -10.58
C LEU A 336 -26.16 12.06 -9.22
N THR A 337 -26.34 12.90 -8.21
CA THR A 337 -25.91 12.55 -6.87
C THR A 337 -26.67 11.35 -6.33
N HIS A 338 -27.85 11.10 -6.90
CA HIS A 338 -28.68 9.98 -6.45
C HIS A 338 -28.11 8.70 -7.08
N LEU A 339 -27.73 8.81 -8.35
CA LEU A 339 -27.18 7.69 -9.08
C LEU A 339 -25.83 7.25 -8.50
N LEU A 340 -24.98 8.21 -8.15
CA LEU A 340 -23.67 7.89 -7.62
C LEU A 340 -23.65 7.76 -6.10
N MET A 341 -24.80 7.93 -5.46
CA MET A 341 -24.93 7.85 -4.02
C MET A 341 -24.15 6.71 -3.34
N PRO A 342 -24.26 5.48 -3.87
CA PRO A 342 -23.52 4.37 -3.24
C PRO A 342 -22.03 4.39 -3.52
N SER A 343 -21.56 5.45 -4.16
CA SER A 343 -20.15 5.56 -4.47
C SER A 343 -19.58 6.87 -3.97
N LEU A 344 -20.38 7.61 -3.24
CA LEU A 344 -19.98 8.89 -2.71
C LEU A 344 -20.15 8.83 -1.21
N GLY A 345 -19.31 8.05 -0.54
CA GLY A 345 -19.43 7.97 0.90
C GLY A 345 -18.90 6.66 1.40
N GLY A 346 -18.60 6.60 2.69
CA GLY A 346 -18.06 5.38 3.26
C GLY A 346 -16.63 5.16 2.79
N ASN A 347 -16.36 3.96 2.29
CA ASN A 347 -15.02 3.62 1.83
C ASN A 347 -14.67 4.28 0.51
N SER A 348 -15.70 4.62 -0.26
CA SER A 348 -15.54 5.24 -1.56
C SER A 348 -14.57 6.37 -1.78
N LYS A 349 -13.96 6.34 -2.96
CA LYS A 349 -12.89 7.22 -3.33
C LYS A 349 -13.38 8.02 -4.52
N THR A 350 -13.03 9.30 -4.58
CA THR A 350 -13.46 10.15 -5.67
C THR A 350 -12.35 11.06 -6.19
N LEU A 351 -12.21 11.15 -7.50
CA LEU A 351 -11.21 12.01 -8.08
C LEU A 351 -11.96 13.05 -8.85
N MET A 352 -11.62 14.31 -8.60
CA MET A 352 -12.27 15.41 -9.27
C MET A 352 -11.25 16.11 -10.19
N PHE A 353 -11.27 15.82 -11.50
CA PHE A 353 -10.35 16.46 -12.43
C PHE A 353 -10.99 17.74 -12.92
N ILE A 354 -10.50 18.86 -12.43
CA ILE A 354 -11.02 20.16 -12.83
C ILE A 354 -10.28 20.66 -14.07
N ASN A 355 -10.91 20.51 -15.22
CA ASN A 355 -10.29 20.96 -16.47
C ASN A 355 -10.43 22.47 -16.58
N VAL A 356 -9.47 23.11 -17.21
CA VAL A 356 -9.49 24.55 -17.35
C VAL A 356 -8.94 25.00 -18.70
N SER A 357 -9.52 26.08 -19.22
CA SER A 357 -9.13 26.66 -20.50
C SER A 357 -8.07 27.73 -20.24
N PRO A 358 -6.89 27.58 -20.84
CA PRO A 358 -5.82 28.53 -20.64
C PRO A 358 -6.03 29.82 -21.41
N PHE A 359 -7.21 30.42 -21.30
CA PHE A 359 -7.45 31.66 -22.04
C PHE A 359 -8.00 32.78 -21.17
N GLN A 360 -7.83 34.01 -21.65
CA GLN A 360 -8.29 35.23 -20.98
C GLN A 360 -9.80 35.33 -21.01
N ASP A 361 -10.38 34.95 -22.13
CA ASP A 361 -11.83 35.00 -22.29
C ASP A 361 -12.53 33.94 -21.44
N CYS A 362 -11.74 33.01 -20.89
CA CYS A 362 -12.29 31.96 -20.04
C CYS A 362 -11.86 32.19 -18.62
N PHE A 363 -11.40 33.39 -18.33
CA PHE A 363 -10.90 33.75 -17.00
C PHE A 363 -11.92 33.57 -15.89
N GLN A 364 -13.10 34.18 -16.07
CA GLN A 364 -14.18 34.12 -15.08
C GLN A 364 -14.55 32.69 -14.75
N GLU A 365 -14.80 31.90 -15.81
CA GLU A 365 -15.15 30.50 -15.66
C GLU A 365 -14.00 29.72 -15.07
N SER A 366 -12.81 29.86 -15.65
CA SER A 366 -11.64 29.14 -15.13
C SER A 366 -11.49 29.40 -13.64
N VAL A 367 -11.81 30.61 -13.23
CA VAL A 367 -11.71 30.98 -11.83
C VAL A 367 -12.84 30.29 -11.06
N LYS A 368 -14.00 30.19 -11.68
CA LYS A 368 -15.13 29.53 -11.05
C LYS A 368 -14.80 28.07 -10.83
N SER A 369 -14.40 27.39 -11.90
CA SER A 369 -14.04 25.98 -11.85
C SER A 369 -13.00 25.72 -10.77
N LEU A 370 -11.91 26.46 -10.83
CA LEU A 370 -10.84 26.31 -9.87
C LEU A 370 -11.29 26.63 -8.46
N ARG A 371 -12.14 27.65 -8.32
CA ARG A 371 -12.60 28.06 -7.01
C ARG A 371 -13.15 26.89 -6.18
N PHE A 372 -13.66 25.87 -6.85
CA PHE A 372 -14.20 24.70 -6.17
C PHE A 372 -13.11 24.04 -5.33
N ALA A 373 -11.90 24.04 -5.87
CA ALA A 373 -10.76 23.45 -5.20
C ALA A 373 -10.58 24.16 -3.86
N ALA A 374 -10.86 25.46 -3.84
CA ALA A 374 -10.71 26.24 -2.62
C ALA A 374 -11.67 25.74 -1.56
N SER A 375 -12.89 25.41 -1.96
CA SER A 375 -13.90 24.94 -1.03
C SER A 375 -13.59 23.54 -0.54
N VAL A 376 -12.92 22.75 -1.38
CA VAL A 376 -12.58 21.38 -1.04
C VAL A 376 -11.56 21.30 0.09
N ASN A 377 -10.42 21.92 -0.11
CA ASN A 377 -9.37 21.92 0.90
C ASN A 377 -9.69 22.87 2.05
N SER A 378 -10.65 23.76 1.85
CA SER A 378 -11.03 24.69 2.90
C SER A 378 -11.52 23.90 4.10
N CYS A 379 -12.01 22.69 3.86
CA CYS A 379 -12.50 21.84 4.93
C CYS A 379 -11.34 21.48 5.85
N LYS A 380 -11.20 22.25 6.93
CA LYS A 380 -10.14 22.03 7.91
C LYS A 380 -10.00 20.56 8.29
N MET B 1 -9.29 -66.26 -16.54
CA MET B 1 -8.24 -65.61 -15.85
C MET B 1 -7.69 -64.52 -16.75
N HIS B 2 -7.52 -64.80 -18.11
CA HIS B 2 -6.98 -63.84 -19.07
C HIS B 2 -7.82 -62.58 -19.07
N ALA B 3 -9.12 -62.75 -19.30
CA ALA B 3 -10.08 -61.65 -19.32
C ALA B 3 -9.94 -60.83 -18.04
N ALA B 4 -10.16 -61.47 -16.90
CA ALA B 4 -10.06 -60.79 -15.63
C ALA B 4 -8.77 -59.97 -15.60
N LEU B 5 -7.61 -60.64 -15.65
CA LEU B 5 -6.33 -59.94 -15.62
C LEU B 5 -6.37 -58.79 -16.63
N SER B 6 -6.91 -59.06 -17.82
CA SER B 6 -7.01 -58.02 -18.84
C SER B 6 -7.81 -56.83 -18.30
N THR B 7 -8.95 -57.12 -17.68
CA THR B 7 -9.75 -56.04 -17.14
C THR B 7 -8.92 -55.18 -16.17
N GLU B 8 -8.19 -55.82 -15.26
CA GLU B 8 -7.36 -55.08 -14.32
C GLU B 8 -6.35 -54.19 -15.04
N VAL B 9 -5.49 -54.82 -15.83
CA VAL B 9 -4.47 -54.10 -16.56
C VAL B 9 -5.02 -52.84 -17.20
N VAL B 10 -6.13 -52.97 -17.93
CA VAL B 10 -6.72 -51.82 -18.58
C VAL B 10 -7.10 -50.77 -17.53
N HIS B 11 -7.87 -51.19 -16.54
CA HIS B 11 -8.30 -50.29 -15.49
C HIS B 11 -7.14 -49.56 -14.81
N LEU B 12 -6.17 -50.31 -14.32
CA LEU B 12 -5.00 -49.73 -13.68
C LEU B 12 -4.24 -48.82 -14.64
N ARG B 13 -4.22 -49.18 -15.92
CA ARG B 13 -3.51 -48.36 -16.90
C ARG B 13 -4.21 -47.00 -17.02
N GLN B 14 -5.53 -47.00 -17.13
CA GLN B 14 -6.23 -45.74 -17.26
C GLN B 14 -6.03 -44.92 -15.98
N ARG B 15 -6.16 -45.58 -14.83
CA ARG B 15 -5.99 -44.93 -13.53
C ARG B 15 -4.60 -44.34 -13.38
N THR B 16 -3.61 -45.11 -13.78
CA THR B 16 -2.23 -44.67 -13.69
C THR B 16 -2.03 -43.44 -14.55
N GLU B 17 -2.61 -43.44 -15.74
CA GLU B 17 -2.46 -42.32 -16.65
C GLU B 17 -3.32 -41.15 -16.21
N GLU B 18 -4.58 -41.41 -15.85
CA GLU B 18 -5.46 -40.34 -15.41
C GLU B 18 -4.92 -39.76 -14.11
N LEU B 19 -4.17 -40.56 -13.37
CA LEU B 19 -3.62 -40.12 -12.11
C LEU B 19 -2.31 -39.39 -12.35
N LEU B 20 -1.68 -39.69 -13.48
CA LEU B 20 -0.41 -39.07 -13.82
C LEU B 20 -0.66 -37.64 -14.31
N ARG B 21 -1.64 -37.46 -15.19
CA ARG B 21 -1.95 -36.13 -15.69
C ARG B 21 -2.41 -35.24 -14.54
N CYS B 22 -3.04 -35.84 -13.54
CA CYS B 22 -3.52 -35.12 -12.35
C CYS B 22 -2.31 -34.60 -11.56
N ASN B 23 -1.26 -35.41 -11.48
CA ASN B 23 -0.04 -35.02 -10.76
C ASN B 23 0.57 -33.82 -11.48
N GLU B 24 0.54 -33.83 -12.81
CA GLU B 24 1.07 -32.73 -13.60
C GLU B 24 0.16 -31.52 -13.41
N GLN B 25 -1.16 -31.74 -13.45
CA GLN B 25 -2.13 -30.67 -13.26
C GLN B 25 -1.83 -29.88 -11.99
N GLN B 26 -1.61 -30.61 -10.90
CA GLN B 26 -1.31 -30.00 -9.61
C GLN B 26 0.02 -29.28 -9.66
N ALA B 27 1.05 -30.00 -10.05
CA ALA B 27 2.37 -29.41 -10.14
C ALA B 27 2.28 -28.05 -10.84
N ALA B 28 1.56 -27.99 -11.96
CA ALA B 28 1.39 -26.75 -12.72
C ALA B 28 0.79 -25.68 -11.81
N GLU B 29 -0.27 -26.06 -11.10
CA GLU B 29 -0.96 -25.17 -10.18
C GLU B 29 -0.08 -24.80 -8.99
N LEU B 30 0.62 -25.80 -8.46
CA LEU B 30 1.49 -25.54 -7.34
C LEU B 30 2.52 -24.52 -7.79
N GLU B 31 3.15 -24.78 -8.94
CA GLU B 31 4.14 -23.86 -9.48
C GLU B 31 3.56 -22.46 -9.59
N THR B 32 2.40 -22.37 -10.20
CA THR B 32 1.75 -21.09 -10.38
C THR B 32 1.41 -20.43 -9.06
N CYS B 33 0.93 -21.23 -8.10
CA CYS B 33 0.54 -20.72 -6.79
C CYS B 33 1.67 -20.03 -6.05
N LYS B 34 2.87 -20.60 -6.14
CA LYS B 34 4.04 -20.04 -5.49
C LYS B 34 4.30 -18.68 -6.10
N GLU B 35 4.41 -18.63 -7.43
CA GLU B 35 4.68 -17.38 -8.12
C GLU B 35 3.70 -16.31 -7.66
N GLN B 36 2.42 -16.64 -7.65
CA GLN B 36 1.45 -15.66 -7.22
C GLN B 36 1.61 -15.24 -5.76
N LEU B 37 1.92 -16.20 -4.90
CA LEU B 37 2.12 -15.92 -3.47
C LEU B 37 3.31 -15.02 -3.34
N PHE B 38 4.32 -15.32 -4.13
CA PHE B 38 5.51 -14.54 -4.13
C PHE B 38 5.23 -13.11 -4.58
N GLN B 39 4.43 -12.97 -5.63
CA GLN B 39 4.09 -11.65 -6.13
C GLN B 39 3.26 -10.91 -5.08
N SER B 40 2.40 -11.65 -4.38
CA SER B 40 1.56 -11.05 -3.36
C SER B 40 2.42 -10.51 -2.21
N ASN B 41 3.38 -11.32 -1.76
CA ASN B 41 4.28 -10.94 -0.68
C ASN B 41 5.06 -9.70 -1.03
N MET B 42 5.54 -9.66 -2.26
CA MET B 42 6.31 -8.54 -2.74
C MET B 42 5.47 -7.27 -2.72
N GLU B 43 4.19 -7.38 -3.09
CA GLU B 43 3.26 -6.24 -3.11
C GLU B 43 2.99 -5.68 -1.71
N ARG B 44 2.68 -6.57 -0.77
CA ARG B 44 2.42 -6.18 0.61
C ARG B 44 3.58 -5.36 1.18
N LYS B 45 4.80 -5.82 0.95
CA LYS B 45 5.97 -5.13 1.43
C LYS B 45 6.17 -3.77 0.76
N GLU B 46 5.94 -3.66 -0.54
CA GLU B 46 6.10 -2.37 -1.18
C GLU B 46 5.08 -1.41 -0.58
N LEU B 47 3.86 -1.92 -0.45
CA LEU B 47 2.77 -1.15 0.10
C LEU B 47 3.03 -0.90 1.59
N HIS B 48 3.54 -1.88 2.30
CA HIS B 48 3.84 -1.68 3.72
C HIS B 48 4.82 -0.51 3.90
N ASN B 49 5.74 -0.37 2.96
CA ASN B 49 6.71 0.71 3.02
C ASN B 49 6.11 2.06 2.62
N THR B 50 5.27 2.07 1.59
CA THR B 50 4.61 3.30 1.16
C THR B 50 3.85 3.88 2.34
N VAL B 51 3.08 3.00 2.97
CA VAL B 51 2.28 3.33 4.14
C VAL B 51 3.14 3.91 5.26
N MET B 52 4.18 3.19 5.67
CA MET B 52 5.01 3.70 6.76
C MET B 52 5.63 5.07 6.44
N ASP B 53 5.89 5.35 5.17
CA ASP B 53 6.48 6.62 4.78
C ASP B 53 5.49 7.78 4.91
N LEU B 54 4.37 7.66 4.22
CA LEU B 54 3.33 8.67 4.25
C LEU B 54 2.91 8.99 5.68
N ARG B 55 3.03 8.00 6.56
CA ARG B 55 2.67 8.19 7.95
C ARG B 55 3.66 9.12 8.62
N GLY B 56 4.94 8.87 8.39
CA GLY B 56 5.98 9.69 8.97
C GLY B 56 6.49 9.07 10.25
N ASN B 57 5.57 8.66 11.12
CA ASN B 57 5.93 8.06 12.40
C ASN B 57 7.03 7.00 12.39
N ILE B 58 7.98 7.14 13.31
CA ILE B 58 9.19 6.34 13.32
C ILE B 58 8.74 4.90 13.35
N ARG B 59 9.25 4.09 12.43
CA ARG B 59 8.87 2.68 12.35
C ARG B 59 9.23 1.88 13.60
N VAL B 60 8.29 1.11 14.14
CA VAL B 60 8.60 0.29 15.30
C VAL B 60 8.26 -1.15 14.95
N PHE B 61 9.21 -2.06 15.20
CA PHE B 61 9.02 -3.47 14.91
C PHE B 61 9.08 -4.30 16.17
N CYS B 62 8.17 -5.24 16.37
CA CYS B 62 8.31 -6.05 17.57
C CYS B 62 8.90 -7.38 17.17
N ARG B 63 9.84 -7.86 17.97
CA ARG B 63 10.46 -9.12 17.67
C ARG B 63 10.35 -9.98 18.91
N ILE B 64 9.65 -11.12 18.81
CA ILE B 64 9.51 -12.02 19.94
C ILE B 64 10.38 -13.23 19.64
N ARG B 65 11.43 -13.39 20.43
CA ARG B 65 12.37 -14.49 20.28
C ARG B 65 11.86 -15.79 20.85
N PRO B 66 12.30 -16.93 20.28
CA PRO B 66 11.86 -18.23 20.78
C PRO B 66 12.76 -18.66 21.92
N PRO B 67 12.30 -19.59 22.77
CA PRO B 67 13.17 -20.02 23.87
C PRO B 67 14.32 -20.88 23.36
N LEU B 68 15.48 -20.73 23.99
CA LEU B 68 16.66 -21.51 23.66
C LEU B 68 16.48 -22.92 24.23
N GLU B 69 17.14 -23.90 23.62
CA GLU B 69 17.06 -25.29 24.07
C GLU B 69 17.37 -25.42 25.56
N SER B 70 18.30 -24.60 26.04
CA SER B 70 18.68 -24.63 27.44
C SER B 70 17.43 -24.51 28.32
N GLU B 71 16.78 -23.35 28.26
CA GLU B 71 15.55 -23.07 29.01
C GLU B 71 14.37 -23.82 28.40
N GLU B 72 14.46 -25.14 28.41
CA GLU B 72 13.43 -26.01 27.86
C GLU B 72 12.27 -26.17 28.82
N ASN B 73 12.49 -25.79 30.08
CA ASN B 73 11.45 -25.90 31.10
C ASN B 73 11.02 -24.53 31.64
N ARG B 74 11.54 -23.47 31.05
CA ARG B 74 11.20 -22.12 31.47
C ARG B 74 9.80 -21.73 30.98
N MET B 75 8.90 -21.45 31.92
CA MET B 75 7.51 -21.10 31.62
C MET B 75 7.35 -19.85 30.74
N CYS B 76 6.40 -19.90 29.82
CA CYS B 76 6.11 -18.80 28.92
C CYS B 76 4.72 -18.27 29.18
N CYS B 77 4.50 -16.99 28.91
CA CYS B 77 3.18 -16.39 29.07
C CYS B 77 2.41 -16.55 27.73
N THR B 78 1.09 -16.42 27.77
CA THR B 78 0.28 -16.55 26.56
C THR B 78 0.47 -15.41 25.55
N TRP B 79 0.68 -15.76 24.28
CA TRP B 79 0.91 -14.78 23.23
C TRP B 79 -0.14 -14.89 22.11
N THR B 80 -0.83 -13.81 21.85
CA THR B 80 -1.81 -13.82 20.79
C THR B 80 -1.38 -12.82 19.77
N TYR B 81 -1.55 -13.19 18.51
CA TYR B 81 -1.18 -12.35 17.38
C TYR B 81 -2.47 -12.14 16.62
N HIS B 82 -2.93 -10.90 16.56
CA HIS B 82 -4.15 -10.58 15.88
C HIS B 82 -3.93 -10.36 14.40
N ASP B 83 -2.69 -10.09 14.03
CA ASP B 83 -2.36 -9.87 12.64
C ASP B 83 -0.90 -9.48 12.55
N GLU B 84 -0.46 -9.08 11.37
CA GLU B 84 0.93 -8.65 11.23
C GLU B 84 1.51 -7.54 12.10
N SER B 85 0.66 -6.83 12.83
CA SER B 85 1.19 -5.73 13.62
C SER B 85 0.64 -5.56 15.03
N THR B 86 -0.27 -6.45 15.42
CA THR B 86 -0.87 -6.34 16.72
C THR B 86 -0.59 -7.60 17.53
N VAL B 87 0.06 -7.44 18.67
CA VAL B 87 0.39 -8.57 19.50
C VAL B 87 -0.07 -8.34 20.92
N GLU B 88 -0.58 -9.40 21.53
CA GLU B 88 -1.09 -9.34 22.90
C GLU B 88 -0.40 -10.36 23.74
N LEU B 89 -0.29 -10.08 25.03
CA LEU B 89 0.33 -11.01 25.93
C LEU B 89 -0.48 -11.11 27.22
N GLN B 90 -0.60 -12.32 27.75
CA GLN B 90 -1.33 -12.52 28.99
C GLN B 90 -0.50 -13.35 29.97
N SER B 91 -0.58 -12.99 31.25
CA SER B 91 0.16 -13.69 32.30
C SER B 91 -0.42 -15.07 32.58
N ILE B 92 0.41 -15.95 33.13
CA ILE B 92 -0.03 -17.31 33.46
C ILE B 92 -1.11 -17.35 34.52
N ASP B 93 -1.02 -16.43 35.49
CA ASP B 93 -1.99 -16.33 36.59
C ASP B 93 -3.15 -15.45 36.19
N ALA B 94 -4.36 -15.91 36.45
CA ALA B 94 -5.56 -15.16 36.09
C ALA B 94 -5.86 -14.02 37.05
N GLN B 95 -5.28 -14.07 38.24
CA GLN B 95 -5.51 -13.05 39.25
C GLN B 95 -5.00 -11.68 38.78
N ALA B 96 -4.27 -11.68 37.66
CA ALA B 96 -3.73 -10.44 37.14
C ALA B 96 -4.39 -10.10 35.81
N LYS B 97 -4.83 -11.13 35.10
CA LYS B 97 -5.49 -10.96 33.81
C LYS B 97 -6.75 -10.12 33.92
N SER B 98 -7.50 -10.29 35.01
CA SER B 98 -8.74 -9.52 35.22
C SER B 98 -8.42 -8.09 35.63
N LYS B 99 -7.52 -7.92 36.53
CA LYS B 99 -7.11 -6.64 36.91
C LYS B 99 -6.13 -6.31 35.92
N MET B 100 -6.01 -5.11 35.50
CA MET B 100 -6.06 -4.59 34.18
C MET B 100 -5.41 -5.37 33.40
N GLY B 101 -5.92 -5.54 32.21
CA GLY B 101 -5.95 -6.85 31.59
C GLY B 101 -5.35 -7.09 30.29
N GLN B 102 -5.80 -6.25 29.45
CA GLN B 102 -5.82 -6.06 28.00
C GLN B 102 -4.46 -5.55 27.53
N GLN B 103 -3.45 -6.42 27.54
CA GLN B 103 -2.10 -6.07 27.12
C GLN B 103 -1.93 -6.27 25.61
N ILE B 104 -2.54 -5.39 24.84
CA ILE B 104 -2.49 -5.51 23.41
C ILE B 104 -1.81 -4.32 22.78
N PHE B 105 -0.84 -4.59 21.92
CA PHE B 105 -0.09 -3.54 21.29
C PHE B 105 -0.09 -3.66 19.78
N SER B 106 0.03 -2.53 19.11
CA SER B 106 -0.01 -2.52 17.65
C SER B 106 1.15 -1.76 17.05
N PHE B 107 2.06 -2.47 16.38
CA PHE B 107 3.24 -1.85 15.75
C PHE B 107 3.21 -1.90 14.23
N ASP B 108 4.34 -1.58 13.61
CA ASP B 108 4.39 -1.64 12.16
C ASP B 108 4.61 -3.05 11.69
N GLN B 109 5.01 -3.94 12.59
CA GLN B 109 5.27 -5.32 12.20
C GLN B 109 5.69 -6.08 13.43
N VAL B 110 5.11 -7.25 13.61
CA VAL B 110 5.44 -8.09 14.74
C VAL B 110 6.02 -9.36 14.16
N PHE B 111 7.16 -9.76 14.72
CA PHE B 111 7.86 -10.94 14.26
C PHE B 111 7.68 -12.08 15.24
N HIS B 112 7.15 -13.18 14.72
CA HIS B 112 6.92 -14.40 15.47
C HIS B 112 8.28 -15.00 15.82
N PRO B 113 8.36 -15.81 16.88
CA PRO B 113 9.65 -16.40 17.22
C PRO B 113 10.24 -17.25 16.08
N LEU B 114 9.40 -17.70 15.16
CA LEU B 114 9.89 -18.51 14.05
C LEU B 114 10.50 -17.65 12.94
N SER B 115 10.28 -16.34 13.00
CA SER B 115 10.83 -15.46 11.98
C SER B 115 12.34 -15.63 11.92
N SER B 116 12.88 -15.65 10.70
CA SER B 116 14.31 -15.81 10.48
C SER B 116 15.04 -14.47 10.36
N GLN B 117 16.36 -14.51 10.38
CA GLN B 117 17.13 -13.27 10.28
C GLN B 117 16.96 -12.59 8.94
N SER B 118 16.40 -13.30 7.98
CA SER B 118 16.16 -12.72 6.66
C SER B 118 14.80 -12.03 6.63
N ASP B 119 13.81 -12.68 7.23
CA ASP B 119 12.46 -12.14 7.30
C ASP B 119 12.49 -10.80 8.01
N ILE B 120 13.54 -10.60 8.80
CA ILE B 120 13.71 -9.36 9.54
C ILE B 120 14.35 -8.33 8.63
N PHE B 121 15.51 -8.69 8.08
CA PHE B 121 16.26 -7.81 7.20
C PHE B 121 15.44 -7.30 6.02
N GLU B 122 14.63 -8.19 5.48
CA GLU B 122 13.78 -7.87 4.34
C GLU B 122 12.85 -6.69 4.64
N MET B 123 12.63 -6.43 5.92
CA MET B 123 11.76 -5.34 6.36
C MET B 123 12.59 -4.09 6.65
N VAL B 124 13.89 -4.28 6.87
CA VAL B 124 14.78 -3.17 7.17
C VAL B 124 15.49 -2.66 5.92
N SER B 125 15.74 -3.60 5.00
CA SER B 125 16.39 -3.31 3.73
C SER B 125 16.04 -1.98 3.11
N PRO B 126 14.75 -1.77 2.78
CA PRO B 126 14.34 -0.50 2.17
C PRO B 126 15.01 0.72 2.75
N LEU B 127 15.19 0.73 4.08
CA LEU B 127 15.81 1.87 4.74
C LEU B 127 17.28 1.98 4.35
N ILE B 128 17.98 0.86 4.44
CA ILE B 128 19.40 0.80 4.14
C ILE B 128 19.70 1.32 2.73
N GLN B 129 18.84 0.96 1.78
CA GLN B 129 19.02 1.41 0.40
C GLN B 129 18.78 2.91 0.28
N SER B 130 17.71 3.38 0.91
CA SER B 130 17.38 4.81 0.85
C SER B 130 18.53 5.65 1.39
N ALA B 131 19.45 5.01 2.09
CA ALA B 131 20.60 5.71 2.65
C ALA B 131 21.44 6.25 1.50
N LEU B 132 21.63 5.43 0.47
CA LEU B 132 22.41 5.83 -0.70
C LEU B 132 21.74 6.97 -1.45
N ASP B 133 20.43 6.87 -1.64
CA ASP B 133 19.66 7.88 -2.36
C ASP B 133 19.63 9.20 -1.59
N GLY B 134 20.45 9.28 -0.54
CA GLY B 134 20.52 10.50 0.24
C GLY B 134 19.54 10.61 1.39
N TYR B 135 19.65 9.71 2.36
CA TYR B 135 18.77 9.73 3.53
C TYR B 135 19.48 9.23 4.77
N ASN B 136 19.18 9.84 5.90
CA ASN B 136 19.78 9.45 7.17
C ASN B 136 18.92 8.39 7.85
N ILE B 137 19.36 7.13 7.75
CA ILE B 137 18.64 6.03 8.35
C ILE B 137 19.23 5.61 9.69
N CYS B 138 18.37 5.54 10.70
CA CYS B 138 18.78 5.15 12.05
C CYS B 138 18.00 3.92 12.48
N ILE B 139 18.61 3.09 13.31
CA ILE B 139 17.93 1.88 13.77
C ILE B 139 18.56 1.30 15.02
N PHE B 140 17.77 1.20 16.09
CA PHE B 140 18.22 0.65 17.36
C PHE B 140 17.38 -0.52 17.84
N ALA B 141 17.81 -1.15 18.93
CA ALA B 141 17.10 -2.29 19.44
C ALA B 141 16.91 -2.19 20.94
N TYR B 142 15.79 -1.61 21.35
CA TYR B 142 15.48 -1.46 22.76
C TYR B 142 15.08 -2.84 23.27
N GLY B 143 14.97 -3.03 24.58
CA GLY B 143 14.57 -4.34 25.08
C GLY B 143 15.31 -4.81 26.32
N GLN B 144 14.73 -5.75 27.06
CA GLN B 144 15.40 -6.24 28.27
C GLN B 144 16.52 -7.22 27.90
N SER B 145 17.55 -7.31 28.75
CA SER B 145 18.66 -8.22 28.48
C SER B 145 18.16 -9.67 28.32
N GLY B 146 18.58 -10.33 27.24
CA GLY B 146 18.15 -11.70 26.99
C GLY B 146 16.98 -11.73 26.03
N SER B 147 16.57 -10.55 25.55
CA SER B 147 15.44 -10.45 24.62
C SER B 147 15.79 -10.79 23.18
N GLY B 148 16.90 -10.25 22.69
CA GLY B 148 17.31 -10.50 21.33
C GLY B 148 17.92 -9.29 20.63
N LYS B 149 18.14 -8.20 21.35
CA LYS B 149 18.72 -7.03 20.68
C LYS B 149 20.01 -7.34 19.89
N THR B 150 20.99 -7.94 20.56
CA THR B 150 22.26 -8.24 19.91
C THR B 150 22.06 -9.30 18.82
N TYR B 151 21.21 -10.28 19.09
CA TYR B 151 20.95 -11.31 18.10
C TYR B 151 20.27 -10.74 16.86
N THR B 152 19.54 -9.65 17.00
CA THR B 152 18.85 -9.04 15.88
C THR B 152 19.81 -8.16 15.10
N MET B 153 20.46 -7.25 15.80
CA MET B 153 21.40 -6.33 15.20
C MET B 153 22.61 -7.01 14.61
N ASP B 154 23.39 -7.68 15.46
CA ASP B 154 24.58 -8.40 15.01
C ASP B 154 24.20 -9.82 14.57
N GLY B 155 23.65 -10.59 15.50
CA GLY B 155 23.26 -11.96 15.21
C GLY B 155 24.37 -12.91 15.61
N VAL B 156 24.35 -14.13 15.08
CA VAL B 156 25.36 -15.13 15.38
C VAL B 156 26.09 -15.56 14.11
N PRO B 157 27.32 -16.10 14.23
CA PRO B 157 28.09 -16.53 13.07
C PRO B 157 27.34 -17.57 12.24
N GLU B 158 26.60 -18.44 12.93
CA GLU B 158 25.80 -19.46 12.26
C GLU B 158 24.86 -18.76 11.29
N SER B 159 23.94 -17.99 11.84
CA SER B 159 22.96 -17.22 11.04
C SER B 159 23.68 -15.90 10.85
N VAL B 160 22.95 -14.81 10.73
CA VAL B 160 23.59 -13.54 10.39
C VAL B 160 23.05 -12.39 11.23
N GLY B 161 22.35 -11.47 10.60
CA GLY B 161 21.82 -10.34 11.34
C GLY B 161 21.70 -9.06 10.52
N VAL B 162 21.00 -8.08 11.08
CA VAL B 162 20.77 -6.81 10.42
C VAL B 162 22.04 -6.10 9.97
N ILE B 163 22.82 -5.61 10.94
CA ILE B 163 24.06 -4.89 10.65
C ILE B 163 24.78 -5.64 9.52
N PRO B 164 25.11 -6.78 9.50
CA PRO B 164 25.92 -7.49 8.50
C PRO B 164 25.13 -7.94 7.26
N ARG B 165 24.07 -7.97 7.30
CA ARG B 165 23.41 -8.26 6.03
C ARG B 165 23.33 -6.89 5.40
N THR B 166 23.39 -5.86 6.22
CA THR B 166 23.31 -4.49 5.74
C THR B 166 24.43 -4.17 4.76
N VAL B 167 25.62 -4.70 5.03
CA VAL B 167 26.76 -4.45 4.16
C VAL B 167 26.56 -5.14 2.82
N ASP B 168 26.02 -6.35 2.84
CA ASP B 168 25.79 -7.07 1.61
C ASP B 168 24.74 -6.36 0.76
N LEU B 169 24.10 -5.36 1.35
CA LEU B 169 23.08 -4.60 0.63
C LEU B 169 23.59 -3.22 0.31
N LEU B 170 24.54 -2.75 1.12
CA LEU B 170 25.11 -1.43 0.94
C LEU B 170 26.03 -1.39 -0.28
N PHE B 171 26.68 -2.51 -0.57
CA PHE B 171 27.59 -2.59 -1.71
C PHE B 171 26.87 -3.11 -2.96
N ASP B 172 26.02 -4.11 -2.77
CA ASP B 172 25.27 -4.69 -3.87
C ASP B 172 24.44 -3.63 -4.60
N SER B 173 23.88 -2.69 -3.83
CA SER B 173 23.05 -1.63 -4.40
C SER B 173 23.90 -0.62 -5.17
N ILE B 174 25.21 -0.77 -5.08
CA ILE B 174 26.14 0.14 -5.77
C ILE B 174 26.53 -0.45 -7.12
N ARG B 175 26.54 -1.78 -7.20
CA ARG B 175 26.88 -2.50 -8.42
C ARG B 175 25.83 -2.26 -9.50
N TRP B 182 28.24 5.21 -10.68
CA TRP B 182 28.23 6.18 -9.59
C TRP B 182 29.25 5.78 -8.52
N GLU B 183 30.03 6.74 -8.05
CA GLU B 183 31.04 6.48 -7.02
C GLU B 183 30.48 6.60 -5.60
N TYR B 184 30.79 5.60 -4.77
CA TYR B 184 30.32 5.58 -3.38
C TYR B 184 31.45 5.41 -2.34
N GLU B 185 31.56 6.39 -1.44
CA GLU B 185 32.56 6.37 -0.40
C GLU B 185 31.82 6.16 0.92
N ILE B 186 32.31 5.22 1.75
CA ILE B 186 31.67 4.93 3.03
C ILE B 186 32.59 5.21 4.21
N LYS B 187 32.03 5.81 5.25
CA LYS B 187 32.78 6.14 6.46
C LYS B 187 32.29 5.31 7.66
N ALA B 188 32.85 4.12 7.84
CA ALA B 188 32.46 3.26 8.97
C ALA B 188 32.84 3.93 10.28
N THR B 189 32.09 3.66 11.34
CA THR B 189 32.37 4.27 12.65
C THR B 189 31.85 3.38 13.78
N PHE B 190 32.68 3.13 14.78
CA PHE B 190 32.26 2.31 15.90
C PHE B 190 32.56 2.97 17.23
N LEU B 191 31.65 2.84 18.19
CA LEU B 191 31.83 3.42 19.51
C LEU B 191 30.97 2.70 20.53
N GLU B 192 31.14 3.04 21.81
CA GLU B 192 30.39 2.42 22.88
C GLU B 192 30.22 3.38 24.05
N ILE B 193 29.19 3.16 24.87
CA ILE B 193 28.94 4.02 26.01
C ILE B 193 28.60 3.23 27.28
N TYR B 194 29.60 3.00 28.12
CA TYR B 194 29.38 2.26 29.38
C TYR B 194 28.88 3.23 30.45
N ASN B 195 29.82 3.99 31.02
CA ASN B 195 29.50 4.98 32.05
C ASN B 195 29.10 5.75 30.81
N GLU B 196 28.84 7.04 31.00
CA GLU B 196 28.47 7.94 29.91
C GLU B 196 29.47 8.59 28.99
N VAL B 197 30.52 7.84 28.68
CA VAL B 197 31.60 8.31 27.81
C VAL B 197 31.72 7.44 26.56
N LEU B 198 32.23 8.04 25.49
CA LEU B 198 32.40 7.34 24.22
C LEU B 198 33.75 6.62 24.17
N TYR B 199 33.79 5.49 23.48
CA TYR B 199 35.02 4.69 23.37
C TYR B 199 35.53 4.48 21.95
N ASP B 200 36.15 3.31 21.75
CA ASP B 200 36.70 2.90 20.46
C ASP B 200 37.55 3.98 19.77
N LEU B 201 37.45 4.06 18.45
CA LEU B 201 38.24 5.04 17.68
C LEU B 201 37.80 6.51 17.83
N LEU B 202 36.80 6.78 18.67
CA LEU B 202 36.30 8.14 18.83
C LEU B 202 36.68 8.85 20.14
N SER B 203 36.17 10.08 20.28
CA SER B 203 36.40 10.96 21.44
C SER B 203 36.91 10.32 22.73
N ILE B 226 37.55 12.72 18.15
CA ILE B 226 38.37 11.77 17.42
C ILE B 226 37.50 11.05 16.40
N THR B 227 38.10 10.35 15.43
CA THR B 227 37.29 9.70 14.39
C THR B 227 37.43 8.23 14.02
N GLU B 228 37.21 7.99 12.73
CA GLU B 228 37.22 6.65 12.15
C GLU B 228 38.18 6.44 10.99
N GLU B 229 37.94 5.34 10.28
CA GLU B 229 38.72 4.94 9.11
C GLU B 229 37.72 4.72 7.98
N THR B 230 38.17 4.84 6.73
CA THR B 230 37.28 4.65 5.59
C THR B 230 37.16 3.20 5.16
N VAL B 231 36.04 2.87 4.53
CA VAL B 231 35.79 1.51 4.05
C VAL B 231 36.42 1.34 2.69
N LEU B 232 36.99 0.17 2.43
CA LEU B 232 37.64 -0.10 1.16
C LEU B 232 36.96 -1.22 0.38
N ASP B 233 36.89 -2.40 0.98
CA ASP B 233 36.28 -3.57 0.34
C ASP B 233 35.31 -4.25 1.32
N PRO B 234 34.26 -4.89 0.80
CA PRO B 234 33.27 -5.58 1.63
C PRO B 234 33.92 -6.43 2.72
N ASN B 235 35.06 -7.03 2.39
CA ASN B 235 35.78 -7.85 3.35
C ASN B 235 36.40 -6.96 4.42
N HIS B 236 36.94 -5.82 3.99
CA HIS B 236 37.55 -4.86 4.89
C HIS B 236 36.55 -4.34 5.91
N LEU B 237 35.30 -4.18 5.48
CA LEU B 237 34.27 -3.69 6.38
C LEU B 237 33.76 -4.85 7.23
N ARG B 238 33.54 -6.00 6.60
CA ARG B 238 33.06 -7.19 7.29
C ARG B 238 34.08 -7.60 8.34
N HIS B 239 35.28 -7.03 8.21
CA HIS B 239 36.37 -7.32 9.13
C HIS B 239 36.48 -6.18 10.14
N LEU B 240 36.48 -4.95 9.63
CA LEU B 240 36.58 -3.77 10.47
C LEU B 240 35.51 -3.82 11.55
N MET B 241 34.37 -4.40 11.19
CA MET B 241 33.25 -4.53 12.13
C MET B 241 33.56 -5.59 13.17
N HIS B 242 34.07 -6.74 12.72
CA HIS B 242 34.42 -7.83 13.62
C HIS B 242 35.52 -7.37 14.57
N THR B 243 36.36 -6.48 14.07
CA THR B 243 37.46 -5.93 14.84
C THR B 243 36.94 -5.18 16.06
N ALA B 244 35.87 -4.42 15.88
CA ALA B 244 35.29 -3.63 16.96
C ALA B 244 34.58 -4.49 17.99
N LYS B 245 33.80 -5.47 17.52
CA LYS B 245 33.04 -6.35 18.39
C LYS B 245 33.91 -7.10 19.39
N MET B 246 35.23 -6.96 19.25
CA MET B 246 36.13 -7.59 20.19
C MET B 246 36.19 -6.57 21.31
N ASN B 247 37.00 -6.84 22.33
CA ASN B 247 37.11 -5.90 23.43
C ASN B 247 35.70 -5.66 23.96
N ARG B 248 34.96 -6.75 24.18
CA ARG B 248 33.60 -6.66 24.71
C ARG B 248 33.31 -7.87 25.58
N ARG B 258 25.55 -5.50 34.54
CA ARG B 258 26.46 -6.61 34.84
C ARG B 258 27.61 -6.64 33.83
N SER B 259 27.28 -7.02 32.60
CA SER B 259 28.29 -7.09 31.54
C SER B 259 27.98 -6.19 30.36
N SER B 260 26.73 -6.18 29.92
CA SER B 260 26.37 -5.34 28.78
C SER B 260 25.28 -4.32 29.07
N ARG B 261 25.64 -3.29 29.83
CA ARG B 261 24.70 -2.23 30.17
C ARG B 261 25.20 -1.01 29.38
N SER B 262 25.70 -1.28 28.18
CA SER B 262 26.25 -0.26 27.32
C SER B 262 25.65 -0.26 25.90
N HIS B 263 25.53 0.92 25.31
CA HIS B 263 24.95 1.07 23.98
C HIS B 263 26.01 0.87 22.89
N ALA B 264 25.69 0.07 21.89
CA ALA B 264 26.63 -0.20 20.82
C ALA B 264 26.24 0.49 19.51
N VAL B 265 26.69 1.72 19.33
CA VAL B 265 26.38 2.48 18.13
C VAL B 265 27.31 2.09 16.98
N THR B 266 26.92 2.40 15.74
CA THR B 266 27.73 2.08 14.56
C THR B 266 27.29 2.96 13.39
N LYS B 267 28.03 4.03 13.14
CA LYS B 267 27.71 4.96 12.06
C LYS B 267 28.21 4.45 10.71
N LEU B 268 27.64 4.97 9.63
CA LEU B 268 28.05 4.55 8.29
C LEU B 268 27.66 5.60 7.26
N GLU B 269 28.47 6.64 7.15
CA GLU B 269 28.19 7.70 6.20
C GLU B 269 28.42 7.21 4.77
N LEU B 270 27.55 7.63 3.86
CA LEU B 270 27.67 7.26 2.46
C LEU B 270 27.93 8.51 1.61
N ILE B 271 28.65 8.34 0.50
CA ILE B 271 28.98 9.46 -0.37
C ILE B 271 28.60 9.18 -1.82
N GLY B 272 27.84 10.09 -2.43
CA GLY B 272 27.43 9.92 -3.81
C GLY B 272 28.09 10.95 -4.73
N ARG B 273 28.98 10.48 -5.60
CA ARG B 273 29.68 11.37 -6.51
C ARG B 273 29.21 11.26 -7.95
N HIS B 274 29.71 10.24 -8.66
CA HIS B 274 29.35 10.00 -10.06
C HIS B 274 29.76 11.18 -10.93
N ALA B 275 31.01 11.11 -11.42
CA ALA B 275 31.55 12.16 -12.27
C ALA B 275 32.81 11.68 -12.95
N GLU B 279 24.81 17.63 -5.52
CA GLU B 279 25.96 17.17 -6.29
C GLU B 279 26.54 15.92 -5.66
N ILE B 280 26.40 15.81 -4.34
CA ILE B 280 26.92 14.68 -3.59
C ILE B 280 25.90 14.21 -2.54
N SER B 281 25.11 13.20 -2.90
CA SER B 281 24.11 12.66 -1.98
C SER B 281 24.81 12.04 -0.77
N VAL B 282 24.34 12.38 0.42
CA VAL B 282 24.94 11.85 1.63
C VAL B 282 23.89 11.29 2.59
N GLY B 283 24.14 10.08 3.07
CA GLY B 283 23.22 9.43 4.00
C GLY B 283 23.96 8.51 4.94
N SER B 284 23.53 8.44 6.19
CA SER B 284 24.17 7.59 7.17
C SER B 284 23.26 6.47 7.64
N ILE B 285 23.82 5.28 7.84
CA ILE B 285 23.04 4.15 8.30
C ILE B 285 23.40 3.84 9.75
N ASN B 286 22.98 4.73 10.64
CA ASN B 286 23.24 4.57 12.07
C ASN B 286 22.76 3.22 12.56
N LEU B 287 23.52 2.61 13.45
CA LEU B 287 23.18 1.30 14.01
C LEU B 287 23.48 1.26 15.51
N VAL B 288 22.45 1.48 16.33
CA VAL B 288 22.62 1.47 17.78
C VAL B 288 22.04 0.22 18.43
N ASP B 289 22.72 -0.24 19.48
CA ASP B 289 22.29 -1.42 20.22
C ASP B 289 22.18 -1.05 21.69
N LEU B 290 21.00 -0.64 22.11
CA LEU B 290 20.77 -0.23 23.49
C LEU B 290 21.16 -1.30 24.51
N ALA B 291 21.35 -0.86 25.75
CA ALA B 291 21.73 -1.74 26.85
C ALA B 291 20.63 -2.67 27.32
N GLY B 292 19.60 -2.09 27.92
CA GLY B 292 18.48 -2.87 28.43
C GLY B 292 17.89 -2.15 29.61
N SER B 293 16.60 -1.81 29.52
CA SER B 293 15.93 -1.09 30.61
C SER B 293 15.13 -2.02 31.51
N GLU B 294 15.74 -3.12 31.92
CA GLU B 294 15.05 -4.06 32.80
C GLU B 294 15.14 -3.59 34.23
N SER B 295 14.24 -4.10 35.06
CA SER B 295 14.19 -3.76 36.47
C SER B 295 15.58 -3.80 37.12
N PRO B 296 16.16 -2.63 37.44
CA PRO B 296 17.49 -2.54 38.07
C PRO B 296 17.49 -2.99 39.52
N ASN B 309 24.20 3.50 33.66
CA ASN B 309 23.28 2.76 34.53
C ASN B 309 21.83 3.03 34.17
N ARG B 310 21.52 4.29 33.85
CA ARG B 310 20.16 4.67 33.50
C ARG B 310 20.08 5.78 32.46
N SER B 311 20.71 5.57 31.32
CA SER B 311 20.70 6.56 30.24
C SER B 311 19.42 6.38 29.43
N LEU B 312 18.96 5.13 29.37
CA LEU B 312 17.75 4.80 28.63
C LEU B 312 16.57 5.59 29.16
N SER B 313 16.60 5.87 30.46
CA SER B 313 15.54 6.63 31.11
C SER B 313 15.45 8.03 30.50
N GLU B 314 16.56 8.51 29.96
CA GLU B 314 16.61 9.84 29.35
C GLU B 314 16.18 9.79 27.89
N LEU B 315 16.18 8.59 27.33
CA LEU B 315 15.78 8.41 25.95
C LEU B 315 14.27 8.51 25.88
N THR B 316 13.60 7.97 26.88
CA THR B 316 12.15 8.02 26.92
C THR B 316 11.70 9.48 27.07
N ASN B 317 12.38 10.23 27.92
CA ASN B 317 12.03 11.62 28.12
C ASN B 317 12.11 12.35 26.79
N VAL B 318 12.89 11.80 25.86
CA VAL B 318 13.04 12.40 24.55
C VAL B 318 11.77 12.10 23.77
N ILE B 319 11.40 10.83 23.75
CA ILE B 319 10.19 10.38 23.05
C ILE B 319 9.01 11.24 23.48
N LEU B 320 8.82 11.40 24.79
CA LEU B 320 7.73 12.20 25.33
C LEU B 320 7.80 13.63 24.81
N ALA B 321 9.01 14.14 24.65
CA ALA B 321 9.22 15.50 24.17
C ALA B 321 8.89 15.61 22.68
N LEU B 322 8.93 14.48 21.98
CA LEU B 322 8.64 14.45 20.55
C LEU B 322 7.16 14.68 20.27
N LEU B 323 6.38 14.76 21.34
CA LEU B 323 4.95 15.01 21.24
C LEU B 323 4.62 16.30 21.96
N GLN B 324 4.82 16.31 23.29
CA GLN B 324 4.56 17.48 24.10
C GLN B 324 5.89 18.17 24.41
N LYS B 325 5.87 19.23 25.19
CA LYS B 325 7.10 19.96 25.52
C LYS B 325 7.84 20.33 24.24
N GLN B 326 7.09 20.73 23.22
CA GLN B 326 7.67 21.11 21.93
C GLN B 326 8.69 22.23 22.07
N ASP B 327 8.73 22.87 23.24
CA ASP B 327 9.67 23.95 23.49
C ASP B 327 11.19 23.81 23.67
N HIS B 328 11.59 23.02 24.65
CA HIS B 328 12.93 22.46 24.81
C HIS B 328 12.88 20.95 24.99
N ILE B 329 13.51 20.23 24.06
CA ILE B 329 13.56 18.78 24.10
C ILE B 329 14.86 18.34 24.77
N PRO B 330 14.77 17.39 25.71
CA PRO B 330 15.95 16.89 26.43
C PRO B 330 16.89 16.05 25.58
N TYR B 331 17.19 16.53 24.37
CA TYR B 331 18.09 15.83 23.46
C TYR B 331 19.50 15.85 24.04
N ARG B 332 19.92 17.00 24.52
CA ARG B 332 21.24 17.18 25.09
C ARG B 332 21.28 16.90 26.59
N ASN B 333 20.87 15.70 26.97
CA ASN B 333 20.86 15.28 28.37
C ASN B 333 21.33 13.84 28.48
N SER B 334 21.91 13.33 27.39
CA SER B 334 22.41 11.97 27.34
C SER B 334 23.37 11.83 26.17
N LYS B 335 24.53 11.24 26.42
CA LYS B 335 25.53 11.06 25.37
C LYS B 335 24.94 10.22 24.24
N LEU B 336 23.96 9.39 24.57
CA LEU B 336 23.31 8.54 23.59
C LEU B 336 22.34 9.37 22.77
N THR B 337 21.44 10.06 23.47
CA THR B 337 20.43 10.89 22.84
C THR B 337 21.03 11.91 21.89
N HIS B 338 22.22 12.37 22.22
CA HIS B 338 22.89 13.37 21.40
C HIS B 338 23.29 12.79 20.05
N LEU B 339 23.83 11.59 20.06
CA LEU B 339 24.24 10.94 18.82
C LEU B 339 23.03 10.44 18.05
N LEU B 340 21.97 10.10 18.78
CA LEU B 340 20.74 9.62 18.16
C LEU B 340 19.79 10.78 17.87
N MET B 341 20.24 12.00 18.15
CA MET B 341 19.41 13.18 17.92
C MET B 341 19.02 13.36 16.45
N PRO B 342 20.00 13.28 15.53
CA PRO B 342 19.70 13.44 14.11
C PRO B 342 18.76 12.37 13.57
N SER B 343 18.20 11.57 14.49
CA SER B 343 17.29 10.49 14.12
C SER B 343 15.92 10.71 14.73
N LEU B 344 15.88 10.99 16.04
CA LEU B 344 14.63 11.22 16.76
C LEU B 344 13.88 12.45 16.28
N GLY B 345 14.61 13.43 15.76
CA GLY B 345 13.96 14.64 15.29
C GLY B 345 14.26 14.99 13.85
N GLY B 346 15.47 15.49 13.60
CA GLY B 346 15.86 15.88 12.24
C GLY B 346 15.41 14.92 11.16
N ASN B 347 15.38 15.42 9.92
CA ASN B 347 14.97 14.62 8.75
C ASN B 347 15.79 13.35 8.76
N SER B 348 15.15 12.26 9.15
CA SER B 348 15.81 10.97 9.24
C SER B 348 14.80 9.84 9.46
N LYS B 349 15.00 8.72 8.77
CA LYS B 349 14.13 7.57 8.91
C LYS B 349 14.65 6.70 10.03
N THR B 350 13.88 6.65 11.12
CA THR B 350 14.22 5.89 12.30
C THR B 350 13.42 4.62 12.45
N LEU B 351 14.12 3.50 12.57
CA LEU B 351 13.50 2.21 12.75
C LEU B 351 13.97 1.61 14.07
N MET B 352 13.04 1.36 14.98
CA MET B 352 13.38 0.76 16.26
C MET B 352 12.85 -0.65 16.40
N PHE B 353 13.62 -1.51 17.06
CA PHE B 353 13.20 -2.87 17.28
C PHE B 353 12.82 -2.97 18.74
N ILE B 354 11.77 -3.73 19.04
CA ILE B 354 11.36 -3.91 20.42
C ILE B 354 11.45 -5.38 20.71
N ASN B 355 12.60 -5.76 21.26
CA ASN B 355 12.83 -7.15 21.57
C ASN B 355 12.14 -7.52 22.89
N VAL B 356 11.48 -8.67 22.86
CA VAL B 356 10.75 -9.15 24.00
C VAL B 356 10.94 -10.65 24.15
N SER B 357 10.87 -11.12 25.41
CA SER B 357 11.01 -12.53 25.73
C SER B 357 9.63 -13.09 25.96
N PRO B 358 9.41 -14.32 25.51
CA PRO B 358 8.11 -14.99 25.67
C PRO B 358 7.92 -15.60 27.06
N PHE B 359 8.88 -15.36 27.95
CA PHE B 359 8.81 -15.92 29.30
C PHE B 359 7.96 -15.13 30.30
N GLN B 360 7.16 -15.87 31.06
CA GLN B 360 6.28 -15.30 32.08
C GLN B 360 7.07 -14.47 33.07
N ASP B 361 8.23 -14.97 33.51
CA ASP B 361 9.02 -14.24 34.47
C ASP B 361 9.49 -12.91 33.89
N CYS B 362 9.27 -12.72 32.59
CA CYS B 362 9.65 -11.49 31.93
C CYS B 362 8.42 -10.62 31.66
N PHE B 363 7.24 -11.11 32.03
CA PHE B 363 6.03 -10.37 31.77
C PHE B 363 6.08 -8.89 32.12
N GLN B 364 6.15 -8.57 33.40
CA GLN B 364 6.18 -7.18 33.78
C GLN B 364 7.12 -6.35 32.91
N GLU B 365 8.28 -6.91 32.63
CA GLU B 365 9.29 -6.23 31.82
C GLU B 365 8.85 -6.14 30.35
N SER B 366 8.29 -7.22 29.81
CA SER B 366 7.86 -7.21 28.41
C SER B 366 6.87 -6.07 28.23
N VAL B 367 5.91 -5.95 29.15
CA VAL B 367 4.88 -4.90 29.11
C VAL B 367 5.51 -3.52 29.15
N LYS B 368 6.56 -3.36 29.95
CA LYS B 368 7.17 -2.06 30.05
C LYS B 368 7.78 -1.72 28.70
N SER B 369 8.40 -2.75 28.13
CA SER B 369 9.04 -2.64 26.83
C SER B 369 7.96 -2.36 25.77
N LEU B 370 6.99 -3.26 25.65
CA LEU B 370 5.92 -3.06 24.65
C LEU B 370 5.23 -1.71 24.82
N ARG B 371 4.95 -1.36 26.06
CA ARG B 371 4.26 -0.11 26.39
C ARG B 371 5.07 1.10 25.97
N PHE B 372 6.38 1.06 26.17
CA PHE B 372 7.25 2.16 25.77
C PHE B 372 7.34 2.16 24.24
N ALA B 373 7.21 0.99 23.62
CA ALA B 373 7.32 0.89 22.19
C ALA B 373 6.15 1.53 21.47
N ALA B 374 5.01 1.61 22.18
CA ALA B 374 3.81 2.20 21.64
C ALA B 374 3.97 3.69 21.48
N SER B 375 4.43 4.35 22.55
CA SER B 375 4.60 5.79 22.49
C SER B 375 5.60 6.20 21.41
N VAL B 376 6.65 5.42 21.23
CA VAL B 376 7.65 5.76 20.22
C VAL B 376 7.04 5.77 18.82
N ASN B 377 6.21 4.77 18.51
CA ASN B 377 5.59 4.69 17.19
C ASN B 377 4.51 5.76 17.01
N SER B 378 4.44 6.69 17.96
CA SER B 378 3.47 7.76 17.92
C SER B 378 4.12 9.07 17.47
N CYS B 379 5.45 9.12 17.55
CA CYS B 379 6.19 10.31 17.14
C CYS B 379 6.12 10.46 15.63
N LYS B 380 5.68 11.63 15.18
CA LYS B 380 5.56 11.93 13.76
C LYS B 380 6.86 12.58 13.29
N MET B 381 7.74 11.77 12.69
CA MET B 381 9.03 12.26 12.22
C MET B 381 8.84 13.34 11.15
N THR B 382 9.45 14.49 11.39
CA THR B 382 9.36 15.63 10.49
C THR B 382 9.64 15.22 9.05
N LYS B 383 10.86 14.79 8.78
CA LYS B 383 11.24 14.36 7.43
C LYS B 383 10.77 15.36 6.39
MG MG C . -17.72 17.22 -23.36
PB ADP D . -15.07 19.81 -22.79
O1B ADP D . -16.30 20.37 -23.44
O2B ADP D . -14.60 20.68 -21.49
O3B ADP D . -15.32 18.40 -22.37
PA ADP D . -13.23 18.87 -24.78
O1A ADP D . -11.97 18.38 -24.24
O2A ADP D . -14.17 17.79 -25.02
O3A ADP D . -13.88 19.89 -23.78
O5' ADP D . -13.01 19.72 -26.11
C5' ADP D . -12.12 20.86 -26.15
C4' ADP D . -11.11 20.69 -27.32
O4' ADP D . -9.80 20.79 -26.77
C3' ADP D . -11.15 19.35 -28.04
O3' ADP D . -10.91 19.49 -29.44
C2' ADP D . -10.02 18.55 -27.46
O2' ADP D . -9.49 17.56 -28.37
C1' ADP D . -9.04 19.61 -27.06
N9 ADP D . -8.20 19.26 -25.86
C8 ADP D . -8.62 19.34 -24.58
N7 ADP D . -7.64 18.98 -23.76
C5 ADP D . -6.59 18.66 -24.49
C6 ADP D . -5.30 18.20 -24.22
N6 ADP D . -4.92 18.01 -22.96
N1 ADP D . -4.43 17.95 -25.25
C2 ADP D . -4.79 18.14 -26.55
N3 ADP D . -6.04 18.57 -26.81
C4 ADP D . -6.95 18.84 -25.85
MG MG E . 23.13 -7.32 24.79
PB ADP F . 20.21 -9.10 24.41
O1B ADP F . 18.86 -8.38 24.19
O2B ADP F . 21.33 -8.80 23.38
O3B ADP F . 20.58 -9.16 25.88
PA ADP F . 20.69 -11.44 23.08
O1A ADP F . 21.97 -11.59 23.86
O2A ADP F . 20.82 -10.74 21.74
O3A ADP F . 19.75 -10.64 24.13
O5' ADP F . 19.94 -12.83 23.07
C5' ADP F . 19.81 -13.58 24.28
C4' ADP F . 19.94 -15.02 23.84
O4' ADP F . 18.98 -15.49 22.85
C3' ADP F . 21.27 -15.25 23.18
O3' ADP F . 21.61 -16.55 23.63
C2' ADP F . 20.95 -15.25 21.70
O2' ADP F . 22.00 -15.87 20.99
C1' ADP F . 19.57 -15.91 21.60
N9 ADP F . 18.57 -15.32 20.65
C8 ADP F . 18.12 -14.05 20.75
N7 ADP F . 17.19 -13.79 19.81
C5 ADP F . 17.04 -14.90 19.09
C6 ADP F . 16.19 -15.30 17.95
N6 ADP F . 15.35 -14.37 17.41
N1 ADP F . 16.30 -16.58 17.46
C2 ADP F . 17.16 -17.45 17.99
N3 ADP F . 17.92 -17.13 19.06
C4 ADP F . 17.93 -15.90 19.63
#